data_6R4U
#
_entry.id   6R4U
#
_cell.length_a   110.830
_cell.length_b   117.570
_cell.length_c   148.800
_cell.angle_alpha   90.000
_cell.angle_beta   90.000
_cell.angle_gamma   90.000
#
_symmetry.space_group_name_H-M   'C 2 2 21'
#
loop_
_entity.id
_entity.type
_entity.pdbx_description
1 polymer 'DNA primase small subunit'
2 non-polymer 'ZINC ION'
3 non-polymer 'MANGANESE (II) ION'
4 non-polymer '2-fluoro-9-{5-O-[(R)-hydroxy{[(R)-hydroxy(phosphonooxy)phosphoryl]oxy}phosphoryl]-beta-D-arabinofuranosyl}-9H-purin-6-a mine'
5 non-polymer 1,2-ETHANEDIOL
6 water water
#
_entity_poly.entity_id   1
_entity_poly.type   'polypeptide(L)'
_entity_poly.pdbx_seq_one_letter_code
;GTSMETFDPTELPELLKLYYRRLFPYSQYYRWLNYGGVIKNYFQHREFSFTLKDDIYIRYQSFNNQSDLEKEMQKMNPYK
IDIGAVYSHRPNQHNTVKLGAFQAQEKELVFDIDMTDYDDVRRCCSSADICPKCWTLMTMAIRIIDRALKEDFGFKHRLW
VYSGRRGVHCWVCDESVRKLSSAVRSGIVEYLSLVKGGQDVKKKVHLSEKIHPFIRKSINIIKKYFEEYALVNQDILENK
ESWDKILALVPETIHDELQQSFQKSHNSLQRWEHLKKVASRYQNNIKNDKYGPWLEWEIMLQYCFPRLDINVSKGINHLL
KSPFSVHPKTGRISVPIDLQKVDQFDPFTVPTISFICRELDAISTNEEEKEENEAESDVKHRTRDYKKTSLAPYVKVFEH
FLENLDKSRK
;
_entity_poly.pdbx_strand_id   A,E
#
loop_
_chem_comp.id
_chem_comp.type
_chem_comp.name
_chem_comp.formula
EDO non-polymer 1,2-ETHANEDIOL 'C2 H6 O2'
HFD non-polymer '2-fluoro-9-{5-O-[(R)-hydroxy{[(R)-hydroxy(phosphonooxy)phosphoryl]oxy}phosphoryl]-beta-D-arabinofuranosyl}-9H-purin-6-a mine' 'C10 H15 F N5 O13 P3'
MN non-polymer 'MANGANESE (II) ION' 'Mn 2'
ZN non-polymer 'ZINC ION' 'Zn 2'
#
# COMPACT_ATOMS: atom_id res chain seq x y z
N PRO A 9 5.74 9.78 -11.16
CA PRO A 9 6.49 10.78 -10.39
C PRO A 9 6.39 12.18 -11.00
N THR A 10 5.65 12.29 -12.11
CA THR A 10 5.48 13.57 -12.79
C THR A 10 4.49 14.47 -12.06
N GLU A 11 3.62 13.91 -11.21
CA GLU A 11 2.69 14.70 -10.43
C GLU A 11 3.35 15.42 -9.27
N LEU A 12 4.59 15.07 -8.92
CA LEU A 12 5.21 15.61 -7.72
C LEU A 12 5.23 17.12 -7.68
N PRO A 13 5.65 17.84 -8.74
CA PRO A 13 5.77 19.30 -8.62
C PRO A 13 4.55 20.01 -8.08
N GLU A 14 3.35 19.76 -8.63
CA GLU A 14 2.18 20.49 -8.15
C GLU A 14 1.73 19.96 -6.78
N LEU A 15 1.97 18.68 -6.49
CA LEU A 15 1.66 18.16 -5.17
C LEU A 15 2.57 18.77 -4.11
N LEU A 16 3.87 18.87 -4.40
CA LEU A 16 4.79 19.50 -3.47
C LEU A 16 4.41 20.96 -3.24
N LYS A 17 4.00 21.66 -4.30
CA LYS A 17 3.62 23.06 -4.16
C LYS A 17 2.50 23.23 -3.14
N LEU A 18 1.49 22.35 -3.19
CA LEU A 18 0.41 22.42 -2.22
C LEU A 18 0.89 21.99 -0.84
N TYR A 19 1.75 20.98 -0.78
CA TYR A 19 2.24 20.48 0.51
C TYR A 19 2.97 21.57 1.28
N TYR A 20 3.93 22.23 0.65
CA TYR A 20 4.72 23.24 1.32
C TYR A 20 3.93 24.52 1.60
N ARG A 21 2.83 24.74 0.89
CA ARG A 21 2.03 25.95 1.09
C ARG A 21 1.03 25.78 2.22
N ARG A 22 0.46 24.59 2.38
CA ARG A 22 -0.67 24.40 3.30
C ARG A 22 -0.48 23.29 4.32
N LEU A 23 0.47 22.37 4.14
CA LEU A 23 0.52 21.18 4.99
C LEU A 23 1.79 21.05 5.81
N PHE A 24 2.96 21.42 5.28
CA PHE A 24 4.20 21.23 6.02
C PHE A 24 4.15 22.00 7.34
N PRO A 25 4.46 21.34 8.49
CA PRO A 25 4.34 22.02 9.81
C PRO A 25 5.52 22.94 10.14
N TYR A 26 5.47 24.15 9.59
CA TYR A 26 6.59 25.07 9.71
C TYR A 26 6.82 25.50 11.15
N SER A 27 5.76 25.83 11.89
CA SER A 27 5.94 26.32 13.25
C SER A 27 6.56 25.27 14.15
N GLN A 28 6.12 24.02 14.04
CA GLN A 28 6.74 22.95 14.81
C GLN A 28 8.16 22.68 14.34
N TYR A 29 8.39 22.77 13.03
CA TYR A 29 9.72 22.54 12.49
C TYR A 29 10.73 23.55 13.04
N TYR A 30 10.33 24.84 13.10
CA TYR A 30 11.23 25.86 13.62
C TYR A 30 11.40 25.73 15.13
N ARG A 31 10.32 25.41 15.85
CA ARG A 31 10.44 25.16 17.28
C ARG A 31 11.47 24.08 17.56
N TRP A 32 11.56 23.09 16.69
CA TRP A 32 12.54 22.03 16.83
C TRP A 32 13.95 22.60 16.66
N LEU A 33 14.27 23.03 15.45
CA LEU A 33 15.65 23.36 15.09
C LEU A 33 16.12 24.69 15.65
N ASN A 34 15.22 25.51 16.20
CA ASN A 34 15.64 26.72 16.89
C ASN A 34 16.06 26.45 18.32
N TYR A 35 15.69 25.31 18.89
CA TYR A 35 16.06 24.90 20.23
C TYR A 35 15.95 26.06 21.23
N GLY A 36 14.72 26.60 21.32
CA GLY A 36 14.44 27.67 22.23
C GLY A 36 15.06 29.01 21.91
N GLY A 37 15.89 29.08 20.86
CA GLY A 37 16.52 30.34 20.50
C GLY A 37 17.48 30.87 21.52
N VAL A 38 17.87 30.04 22.49
CA VAL A 38 18.73 30.52 23.57
C VAL A 38 20.15 30.73 23.08
N ILE A 39 20.64 29.86 22.20
CA ILE A 39 21.98 29.99 21.64
C ILE A 39 21.91 30.81 20.36
N LYS A 40 22.83 31.75 20.21
CA LYS A 40 22.80 32.67 19.08
C LYS A 40 23.18 31.95 17.78
N ASN A 41 22.46 32.29 16.71
CA ASN A 41 22.76 31.82 15.36
C ASN A 41 22.67 30.30 15.23
N TYR A 42 22.00 29.63 16.17
CA TYR A 42 21.95 28.17 16.11
C TYR A 42 21.15 27.70 14.91
N PHE A 43 19.98 28.29 14.68
CA PHE A 43 19.21 27.97 13.48
C PHE A 43 19.85 28.59 12.24
N GLN A 44 20.42 29.80 12.38
CA GLN A 44 21.00 30.50 11.25
C GLN A 44 22.24 29.80 10.70
N HIS A 45 22.93 29.01 11.52
CA HIS A 45 24.12 28.29 11.09
C HIS A 45 23.84 26.84 10.72
N ARG A 46 22.57 26.44 10.66
CA ARG A 46 22.21 25.07 10.29
C ARG A 46 22.25 24.92 8.77
N GLU A 47 22.88 23.84 8.30
CA GLU A 47 22.84 23.51 6.90
C GLU A 47 21.54 22.78 6.56
N PHE A 48 20.94 23.17 5.44
CA PHE A 48 19.92 22.39 4.77
C PHE A 48 20.40 22.06 3.37
N SER A 49 20.02 20.88 2.88
CA SER A 49 20.34 20.47 1.52
C SER A 49 19.04 20.11 0.81
N PHE A 50 18.71 20.84 -0.25
CA PHE A 50 17.51 20.61 -1.02
C PHE A 50 17.84 19.75 -2.24
N THR A 51 17.05 18.71 -2.46
CA THR A 51 17.08 17.95 -3.69
C THR A 51 15.95 18.44 -4.59
N LEU A 52 16.30 18.83 -5.81
CA LEU A 52 15.33 19.38 -6.75
C LEU A 52 14.93 18.30 -7.77
N LYS A 53 14.47 18.73 -8.93
CA LYS A 53 14.11 17.80 -9.99
C LYS A 53 15.37 17.17 -10.59
N ASP A 54 15.24 15.93 -11.04
CA ASP A 54 16.29 15.23 -11.76
C ASP A 54 17.52 14.95 -10.87
N ASP A 55 17.30 14.70 -9.59
CA ASP A 55 18.37 14.36 -8.64
C ASP A 55 19.42 15.45 -8.51
N ILE A 56 19.10 16.67 -8.93
CA ILE A 56 19.96 17.83 -8.67
C ILE A 56 19.72 18.29 -7.24
N TYR A 57 20.80 18.60 -6.53
CA TYR A 57 20.68 19.03 -5.14
C TYR A 57 21.69 20.13 -4.85
N ILE A 58 21.37 20.94 -3.84
CA ILE A 58 22.18 22.07 -3.42
C ILE A 58 22.60 21.86 -1.98
N ARG A 59 23.89 22.05 -1.71
CA ARG A 59 24.42 21.96 -0.35
C ARG A 59 24.53 23.34 0.28
N TYR A 60 24.61 23.36 1.60
CA TYR A 60 24.95 24.57 2.35
C TYR A 60 23.90 25.66 2.16
N GLN A 61 22.63 25.27 2.24
CA GLN A 61 21.54 26.23 2.36
C GLN A 61 21.34 26.58 3.83
N SER A 62 21.06 27.85 4.10
CA SER A 62 20.76 28.29 5.45
C SER A 62 19.81 29.48 5.37
N PHE A 63 19.14 29.74 6.48
CA PHE A 63 18.05 30.71 6.52
C PHE A 63 18.13 31.53 7.78
N ASN A 64 17.47 32.69 7.75
CA ASN A 64 17.54 33.63 8.87
C ASN A 64 16.49 33.36 9.94
N ASN A 65 15.38 32.73 9.58
CA ASN A 65 14.25 32.59 10.48
C ASN A 65 13.20 31.71 9.81
N GLN A 66 12.09 31.48 10.52
CA GLN A 66 11.02 30.65 9.98
C GLN A 66 10.49 31.21 8.68
N SER A 67 10.27 32.53 8.61
CA SER A 67 9.71 33.13 7.40
C SER A 67 10.62 32.90 6.20
N ASP A 68 11.93 33.11 6.37
CA ASP A 68 12.86 32.92 5.27
C ASP A 68 12.87 31.47 4.80
N LEU A 69 12.70 30.52 5.73
CA LEU A 69 12.63 29.11 5.35
C LEU A 69 11.36 28.82 4.55
N GLU A 70 10.21 29.33 5.03
CA GLU A 70 8.97 29.15 4.30
C GLU A 70 9.08 29.66 2.87
N LYS A 71 9.58 30.88 2.70
CA LYS A 71 9.63 31.48 1.37
C LYS A 71 10.54 30.69 0.44
N GLU A 72 11.67 30.19 0.94
CA GLU A 72 12.59 29.46 0.09
C GLU A 72 12.08 28.06 -0.24
N MET A 73 11.41 27.41 0.71
CA MET A 73 10.84 26.09 0.42
C MET A 73 9.67 26.20 -0.54
N GLN A 74 8.81 27.22 -0.37
CA GLN A 74 7.70 27.44 -1.28
C GLN A 74 8.17 27.97 -2.63
N LYS A 75 9.38 28.49 -2.72
CA LYS A 75 9.96 28.93 -3.98
C LYS A 75 10.69 27.80 -4.69
N MET A 76 11.38 26.94 -3.95
CA MET A 76 12.14 25.86 -4.55
C MET A 76 11.33 24.57 -4.68
N ASN A 77 10.35 24.37 -3.81
CA ASN A 77 9.52 23.16 -3.76
C ASN A 77 10.40 21.92 -3.94
N PRO A 78 11.32 21.67 -3.01
CA PRO A 78 12.27 20.56 -3.17
C PRO A 78 11.58 19.20 -3.09
N TYR A 79 12.15 18.24 -3.82
CA TYR A 79 11.66 16.86 -3.75
C TYR A 79 11.93 16.24 -2.38
N LYS A 80 13.11 16.50 -1.81
CA LYS A 80 13.39 16.09 -0.45
C LYS A 80 14.30 17.11 0.21
N ILE A 81 14.26 17.14 1.54
CA ILE A 81 15.05 18.07 2.34
C ILE A 81 15.92 17.25 3.28
N ASP A 82 17.22 17.50 3.23
CA ASP A 82 18.16 16.91 4.17
C ASP A 82 18.58 17.94 5.21
N ILE A 83 18.81 17.47 6.43
CA ILE A 83 19.32 18.30 7.52
C ILE A 83 20.78 17.93 7.77
N GLY A 84 21.62 18.95 7.91
CA GLY A 84 23.02 18.74 8.19
C GLY A 84 23.42 19.29 9.54
N ALA A 85 24.71 19.62 9.70
CA ALA A 85 25.22 20.09 10.97
C ALA A 85 25.00 21.59 11.13
N VAL A 86 25.16 22.05 12.37
CA VAL A 86 25.26 23.47 12.67
C VAL A 86 26.74 23.85 12.54
N TYR A 87 27.03 24.84 11.71
CA TYR A 87 28.40 25.18 11.36
C TYR A 87 28.89 26.41 12.13
N SER A 88 30.18 26.70 11.98
CA SER A 88 30.78 27.85 12.63
C SER A 88 30.33 29.17 12.03
N HIS A 89 29.86 29.16 10.77
CA HIS A 89 29.35 30.35 10.11
C HIS A 89 28.06 29.99 9.39
N ARG A 90 27.41 31.00 8.84
CA ARG A 90 26.26 30.77 7.98
C ARG A 90 26.68 29.88 6.81
N PRO A 91 26.10 28.69 6.65
CA PRO A 91 26.50 27.84 5.52
C PRO A 91 26.39 28.52 4.17
N ASN A 92 25.39 29.37 3.96
CA ASN A 92 25.27 30.07 2.69
C ASN A 92 26.33 31.17 2.52
N GLN A 93 27.21 31.35 3.50
CA GLN A 93 28.32 32.29 3.40
C GLN A 93 29.67 31.59 3.43
N HIS A 94 29.69 30.27 3.23
CA HIS A 94 30.91 29.49 3.45
C HIS A 94 32.00 29.82 2.45
N ASN A 95 31.66 30.42 1.30
CA ASN A 95 32.68 30.78 0.33
C ASN A 95 33.42 32.06 0.73
N THR A 96 32.78 32.95 1.48
CA THR A 96 33.44 34.16 1.96
C THR A 96 34.31 33.90 3.19
N VAL A 97 34.25 32.70 3.75
CA VAL A 97 35.03 32.37 4.94
C VAL A 97 36.44 31.97 4.51
N LYS A 98 37.44 32.41 5.28
CA LYS A 98 38.81 32.03 4.98
C LYS A 98 38.98 30.51 5.08
N LEU A 99 39.77 29.96 4.18
CA LEU A 99 39.90 28.50 4.07
C LEU A 99 40.29 27.90 5.42
N GLY A 100 39.61 26.80 5.78
CA GLY A 100 39.90 26.08 6.99
C GLY A 100 39.10 26.49 8.20
N ALA A 101 38.44 27.65 8.15
CA ALA A 101 37.67 28.14 9.29
C ALA A 101 36.23 27.63 9.30
N PHE A 102 35.69 27.26 8.14
CA PHE A 102 34.32 26.75 8.06
C PHE A 102 34.32 25.31 8.55
N GLN A 103 33.67 25.07 9.69
CA GLN A 103 33.72 23.77 10.35
C GLN A 103 32.36 23.43 10.93
N ALA A 104 31.98 22.16 10.82
CA ALA A 104 30.80 21.66 11.51
C ALA A 104 31.11 21.56 13.00
N GLN A 105 30.21 22.09 13.82
CA GLN A 105 30.43 22.17 15.26
C GLN A 105 29.47 21.32 16.08
N GLU A 106 28.21 21.23 15.68
CA GLU A 106 27.23 20.46 16.43
C GLU A 106 26.22 19.83 15.48
N LYS A 107 25.68 18.69 15.90
CA LYS A 107 24.58 18.06 15.19
C LYS A 107 24.02 16.95 16.08
N GLU A 108 22.71 16.74 15.96
CA GLU A 108 22.07 15.64 16.67
C GLU A 108 22.79 14.34 16.37
N LEU A 109 22.77 13.42 17.34
CA LEU A 109 23.24 12.07 17.11
C LEU A 109 22.14 11.30 16.39
N VAL A 110 22.41 10.84 15.18
CA VAL A 110 21.38 10.26 14.33
C VAL A 110 21.71 8.80 14.06
N PHE A 111 20.66 8.04 13.76
CA PHE A 111 20.78 6.63 13.39
C PHE A 111 19.91 6.37 12.16
N ASP A 112 20.43 5.56 11.23
CA ASP A 112 19.73 5.16 10.02
C ASP A 112 19.76 3.64 9.95
N ILE A 113 18.58 3.01 9.90
CA ILE A 113 18.44 1.57 9.81
C ILE A 113 17.73 1.25 8.51
N ASP A 114 18.31 0.34 7.72
CA ASP A 114 17.78 -0.04 6.42
C ASP A 114 17.41 -1.51 6.41
N MET A 115 16.21 -1.83 5.93
CA MET A 115 15.79 -3.23 5.84
C MET A 115 16.70 -4.02 4.91
N THR A 116 17.26 -3.36 3.89
CA THR A 116 18.12 -4.07 2.93
C THR A 116 19.26 -4.78 3.63
N ASP A 117 19.77 -4.23 4.73
CA ASP A 117 20.89 -4.82 5.45
C ASP A 117 20.54 -6.16 6.07
N TYR A 118 19.27 -6.55 6.08
CA TYR A 118 18.83 -7.84 6.61
C TYR A 118 18.52 -8.86 5.54
N ASP A 119 18.91 -8.63 4.29
CA ASP A 119 18.49 -9.52 3.21
C ASP A 119 18.92 -10.95 3.46
N ASP A 120 20.04 -11.15 4.16
CA ASP A 120 20.53 -12.51 4.39
C ASP A 120 19.70 -13.27 5.42
N VAL A 121 18.81 -12.59 6.15
CA VAL A 121 17.98 -13.25 7.16
C VAL A 121 16.52 -12.96 6.89
N ARG A 122 16.22 -12.33 5.76
CA ARG A 122 14.85 -12.12 5.30
C ARG A 122 14.50 -13.14 4.22
N ARG A 123 13.30 -13.69 4.30
CA ARG A 123 12.79 -14.58 3.26
C ARG A 123 11.66 -13.98 2.44
N CYS A 124 11.02 -12.91 2.93
CA CYS A 124 9.83 -12.35 2.29
C CYS A 124 10.15 -11.26 1.28
N CYS A 125 11.13 -10.40 1.57
CA CYS A 125 11.45 -9.28 0.72
C CYS A 125 12.96 -9.24 0.48
N SER A 126 13.36 -8.38 -0.45
CA SER A 126 14.76 -8.13 -0.73
C SER A 126 14.91 -6.71 -1.24
N SER A 127 16.14 -6.23 -1.26
CA SER A 127 16.45 -4.89 -1.77
C SER A 127 15.65 -3.89 -0.94
N ALA A 128 14.96 -2.93 -1.54
CA ALA A 128 14.26 -1.87 -0.82
C ALA A 128 12.83 -2.23 -0.47
N ASP A 129 12.42 -3.48 -0.67
CA ASP A 129 11.05 -3.88 -0.38
C ASP A 129 10.87 -4.15 1.11
N ILE A 130 9.64 -3.96 1.58
CA ILE A 130 9.26 -4.25 2.95
C ILE A 130 7.83 -4.79 2.95
N CYS A 131 7.50 -5.53 4.00
CA CYS A 131 6.16 -6.07 4.16
C CYS A 131 5.91 -6.30 5.64
N PRO A 132 4.66 -6.58 6.03
CA PRO A 132 4.37 -6.82 7.45
C PRO A 132 5.12 -8.01 8.04
N LYS A 133 5.60 -8.94 7.22
CA LYS A 133 6.27 -10.12 7.76
C LYS A 133 7.66 -9.79 8.29
N CYS A 134 8.32 -8.77 7.73
CA CYS A 134 9.67 -8.41 8.14
C CYS A 134 9.75 -7.09 8.88
N TRP A 135 8.69 -6.29 8.90
CA TRP A 135 8.76 -5.01 9.59
C TRP A 135 9.04 -5.19 11.08
N THR A 136 8.72 -6.36 11.65
CA THR A 136 9.01 -6.60 13.06
C THR A 136 10.49 -6.43 13.37
N LEU A 137 11.36 -6.60 12.38
CA LEU A 137 12.78 -6.31 12.59
C LEU A 137 12.98 -4.87 13.01
N MET A 138 12.18 -3.95 12.48
CA MET A 138 12.26 -2.55 12.86
C MET A 138 11.67 -2.32 14.24
N THR A 139 10.57 -3.00 14.56
CA THR A 139 10.02 -2.91 15.91
C THR A 139 11.06 -3.31 16.95
N MET A 140 11.79 -4.39 16.71
CA MET A 140 12.82 -4.82 17.65
C MET A 140 14.00 -3.86 17.65
N ALA A 141 14.37 -3.34 16.47
CA ALA A 141 15.48 -2.40 16.41
C ALA A 141 15.18 -1.16 17.24
N ILE A 142 13.97 -0.59 17.09
CA ILE A 142 13.61 0.60 17.85
C ILE A 142 13.69 0.32 19.34
N ARG A 143 13.12 -0.79 19.78
CA ARG A 143 13.03 -1.06 21.21
C ARG A 143 14.40 -1.37 21.81
N ILE A 144 15.23 -2.12 21.08
CA ILE A 144 16.57 -2.43 21.57
C ILE A 144 17.41 -1.15 21.66
N ILE A 145 17.43 -0.36 20.60
CA ILE A 145 18.29 0.81 20.57
C ILE A 145 17.76 1.89 21.50
N ASP A 146 16.45 2.17 21.43
CA ASP A 146 15.89 3.23 22.26
C ASP A 146 16.11 2.93 23.74
N ARG A 147 15.97 1.67 24.15
CA ARG A 147 16.24 1.31 25.53
C ARG A 147 17.66 1.68 25.92
N ALA A 148 18.64 1.28 25.09
CA ALA A 148 20.03 1.60 25.38
C ALA A 148 20.24 3.11 25.45
N LEU A 149 19.74 3.84 24.45
CA LEU A 149 19.88 5.30 24.47
C LEU A 149 19.28 5.90 25.73
N LYS A 150 18.11 5.40 26.14
CA LYS A 150 17.42 5.97 27.30
C LYS A 150 18.10 5.54 28.60
N GLU A 151 18.28 4.23 28.80
CA GLU A 151 18.69 3.70 30.09
C GLU A 151 20.21 3.64 30.26
N ASP A 152 20.94 3.27 29.20
CA ASP A 152 22.38 3.10 29.34
C ASP A 152 23.12 4.43 29.20
N PHE A 153 22.68 5.28 28.28
CA PHE A 153 23.36 6.55 28.01
C PHE A 153 22.66 7.75 28.61
N GLY A 154 21.43 7.60 29.10
CA GLY A 154 20.75 8.73 29.71
C GLY A 154 20.28 9.80 28.75
N PHE A 155 20.15 9.48 27.47
CA PHE A 155 19.65 10.43 26.48
C PHE A 155 18.14 10.49 26.58
N LYS A 156 17.60 11.71 26.71
CA LYS A 156 16.20 11.90 27.05
C LYS A 156 15.32 12.38 25.91
N HIS A 157 15.90 12.92 24.84
CA HIS A 157 15.13 13.53 23.76
C HIS A 157 15.43 12.80 22.45
N ARG A 158 14.60 11.80 22.13
CA ARG A 158 14.84 10.90 21.01
C ARG A 158 13.62 10.91 20.12
N LEU A 159 13.82 11.24 18.84
CA LEU A 159 12.74 11.29 17.85
C LEU A 159 12.96 10.18 16.84
N TRP A 160 12.08 9.19 16.84
CA TRP A 160 12.10 8.13 15.84
C TRP A 160 11.20 8.52 14.67
N VAL A 161 11.68 8.23 13.46
CA VAL A 161 11.00 8.64 12.22
C VAL A 161 11.02 7.48 11.24
N TYR A 162 9.91 7.31 10.52
CA TYR A 162 9.85 6.38 9.40
C TYR A 162 10.55 7.03 8.21
N SER A 163 11.54 6.33 7.65
CA SER A 163 12.34 6.92 6.59
C SER A 163 11.56 7.10 5.29
N GLY A 164 10.40 6.46 5.14
CA GLY A 164 9.56 6.62 3.98
C GLY A 164 9.58 5.44 3.02
N ARG A 165 10.56 4.54 3.14
CA ARG A 165 10.66 3.42 2.22
C ARG A 165 11.06 2.12 2.93
N ARG A 166 12.26 2.07 3.50
CA ARG A 166 12.84 0.79 3.89
C ARG A 166 13.37 0.78 5.32
N GLY A 167 12.99 1.73 6.16
CA GLY A 167 13.49 1.70 7.53
C GLY A 167 13.09 2.90 8.37
N VAL A 168 13.91 3.17 9.39
CA VAL A 168 13.60 4.20 10.38
C VAL A 168 14.84 5.03 10.68
N HIS A 169 14.60 6.22 11.21
CA HIS A 169 15.63 7.11 11.69
C HIS A 169 15.40 7.43 13.16
N CYS A 170 16.48 7.77 13.86
CA CYS A 170 16.37 8.28 15.22
C CYS A 170 17.20 9.55 15.32
N TRP A 171 16.62 10.58 15.94
CA TRP A 171 17.30 11.83 16.21
C TRP A 171 17.42 11.99 17.72
N VAL A 172 18.65 11.98 18.23
CA VAL A 172 18.93 12.21 19.63
C VAL A 172 19.36 13.66 19.79
N CYS A 173 18.60 14.44 20.56
CA CYS A 173 18.66 15.89 20.49
C CYS A 173 19.04 16.58 21.80
N ASP A 174 19.43 15.82 22.83
CA ASP A 174 19.93 16.45 24.05
C ASP A 174 21.07 17.40 23.72
N GLU A 175 21.08 18.57 24.39
CA GLU A 175 22.04 19.60 24.01
C GLU A 175 23.48 19.12 24.14
N SER A 176 23.77 18.27 25.13
CA SER A 176 25.12 17.75 25.24
C SER A 176 25.40 16.70 24.17
N VAL A 177 24.38 15.98 23.71
CA VAL A 177 24.59 15.02 22.64
C VAL A 177 24.96 15.73 21.34
N ARG A 178 24.36 16.89 21.08
CA ARG A 178 24.63 17.60 19.84
C ARG A 178 26.08 18.06 19.75
N LYS A 179 26.79 18.14 20.88
CA LYS A 179 28.18 18.57 20.91
C LYS A 179 29.17 17.42 20.73
N LEU A 180 28.71 16.16 20.75
CA LEU A 180 29.62 15.03 20.72
C LEU A 180 30.48 15.06 19.46
N SER A 181 31.71 14.59 19.61
CA SER A 181 32.64 14.48 18.50
C SER A 181 32.35 13.22 17.68
N SER A 182 32.99 13.14 16.51
CA SER A 182 32.89 11.93 15.70
C SER A 182 33.38 10.71 16.47
N ALA A 183 34.47 10.88 17.23
CA ALA A 183 35.07 9.74 17.93
C ALA A 183 34.09 9.16 18.95
N VAL A 184 33.45 10.01 19.75
CA VAL A 184 32.49 9.52 20.73
C VAL A 184 31.29 8.91 20.03
N ARG A 185 30.84 9.51 18.92
CA ARG A 185 29.73 8.95 18.17
C ARG A 185 30.05 7.53 17.71
N SER A 186 31.27 7.30 17.21
CA SER A 186 31.68 5.96 16.82
C SER A 186 31.67 5.02 18.03
N GLY A 187 32.16 5.50 19.17
CA GLY A 187 32.15 4.66 20.37
C GLY A 187 30.76 4.24 20.78
N ILE A 188 29.78 5.14 20.62
CA ILE A 188 28.40 4.78 20.92
C ILE A 188 27.92 3.71 19.95
N VAL A 189 28.20 3.90 18.66
CA VAL A 189 27.81 2.90 17.67
C VAL A 189 28.40 1.54 18.01
N GLU A 190 29.70 1.50 18.31
CA GLU A 190 30.34 0.23 18.64
C GLU A 190 29.65 -0.44 19.82
N TYR A 191 29.34 0.33 20.87
CA TYR A 191 28.60 -0.20 22.01
C TYR A 191 27.30 -0.85 21.56
N LEU A 192 26.64 -0.30 20.55
CA LEU A 192 25.34 -0.76 20.11
C LEU A 192 25.39 -1.88 19.09
N SER A 193 26.57 -2.23 18.57
CA SER A 193 26.70 -3.15 17.45
C SER A 193 27.11 -4.54 17.93
N LEU A 194 26.48 -5.56 17.34
CA LEU A 194 26.85 -6.95 17.57
C LEU A 194 26.96 -7.76 16.30
N VAL A 195 26.28 -7.37 15.22
CA VAL A 195 26.29 -8.12 13.96
C VAL A 195 27.38 -7.50 13.08
N LYS A 196 28.46 -8.25 12.88
CA LYS A 196 29.64 -7.71 12.20
C LYS A 196 30.06 -8.66 11.10
N GLY A 197 30.32 -8.11 9.91
CA GLY A 197 30.74 -8.90 8.77
C GLY A 197 29.83 -8.64 7.58
N GLY A 198 30.42 -8.70 6.39
CA GLY A 198 29.67 -8.55 5.15
C GLY A 198 29.11 -9.88 4.68
N GLN A 199 28.74 -9.91 3.39
CA GLN A 199 28.26 -11.15 2.79
C GLN A 199 29.31 -12.24 2.79
N ASP A 200 30.60 -11.87 2.90
CA ASP A 200 31.67 -12.86 2.94
C ASP A 200 31.63 -13.71 4.19
N VAL A 201 31.03 -13.21 5.28
CA VAL A 201 31.10 -13.86 6.58
C VAL A 201 29.81 -14.62 6.82
N LYS A 202 29.94 -15.88 7.24
CA LYS A 202 28.78 -16.72 7.53
C LYS A 202 28.20 -16.38 8.91
N LYS A 203 29.00 -16.54 9.95
CA LYS A 203 28.58 -16.31 11.33
C LYS A 203 29.00 -14.90 11.74
N LYS A 204 28.01 -14.04 12.01
CA LYS A 204 28.24 -12.62 12.21
C LYS A 204 28.17 -12.19 13.67
N VAL A 205 27.84 -13.11 14.59
CA VAL A 205 27.71 -12.78 16.00
C VAL A 205 28.51 -13.79 16.81
N HIS A 206 29.36 -13.30 17.71
CA HIS A 206 30.11 -14.13 18.64
C HIS A 206 30.04 -13.51 20.02
N LEU A 207 29.60 -14.28 21.01
CA LEU A 207 29.39 -13.78 22.36
C LEU A 207 30.48 -14.30 23.29
N SER A 208 30.82 -13.48 24.28
CA SER A 208 31.76 -13.87 25.32
C SER A 208 31.07 -14.75 26.34
N GLU A 209 31.87 -15.38 27.21
CA GLU A 209 31.30 -16.20 28.27
C GLU A 209 30.40 -15.38 29.18
N LYS A 210 30.84 -14.18 29.55
CA LYS A 210 30.07 -13.28 30.40
C LYS A 210 29.31 -12.29 29.53
N ILE A 211 28.00 -12.20 29.75
CA ILE A 211 27.12 -11.40 28.92
C ILE A 211 26.99 -10.01 29.54
N HIS A 212 27.36 -8.99 28.78
CA HIS A 212 27.18 -7.62 29.21
C HIS A 212 25.69 -7.30 29.33
N PRO A 213 25.28 -6.51 30.33
CA PRO A 213 23.84 -6.24 30.50
C PRO A 213 23.14 -5.77 29.24
N PHE A 214 23.82 -4.99 28.39
CA PHE A 214 23.22 -4.56 27.14
C PHE A 214 22.83 -5.75 26.28
N ILE A 215 23.68 -6.77 26.22
CA ILE A 215 23.38 -7.95 25.41
C ILE A 215 22.24 -8.75 26.02
N ARG A 216 22.25 -8.93 27.33
CA ARG A 216 21.18 -9.68 27.99
C ARG A 216 19.84 -8.99 27.77
N LYS A 217 19.79 -7.68 27.98
CA LYS A 217 18.53 -6.95 27.84
C LYS A 217 18.06 -6.92 26.40
N SER A 218 18.99 -6.89 25.45
CA SER A 218 18.59 -6.95 24.04
C SER A 218 18.08 -8.35 23.68
N ILE A 219 18.74 -9.39 24.21
CA ILE A 219 18.25 -10.75 23.98
C ILE A 219 16.82 -10.89 24.47
N ASN A 220 16.53 -10.35 25.66
CA ASN A 220 15.20 -10.54 26.24
C ASN A 220 14.13 -9.81 25.45
N ILE A 221 14.49 -8.70 24.80
CA ILE A 221 13.54 -8.03 23.91
C ILE A 221 13.24 -8.92 22.71
N ILE A 222 14.28 -9.48 22.09
CA ILE A 222 14.08 -10.36 20.94
C ILE A 222 13.22 -11.56 21.33
N LYS A 223 13.43 -12.09 22.54
CA LYS A 223 12.69 -13.26 22.98
C LYS A 223 11.18 -13.02 22.97
N LYS A 224 10.74 -11.78 23.18
CA LYS A 224 9.30 -11.51 23.17
C LYS A 224 8.71 -11.70 21.77
N TYR A 225 9.50 -11.46 20.73
CA TYR A 225 9.00 -11.47 19.36
C TYR A 225 9.46 -12.66 18.56
N PHE A 226 10.39 -13.46 19.08
CA PHE A 226 11.10 -14.42 18.24
C PHE A 226 10.17 -15.49 17.70
N GLU A 227 9.26 -16.01 18.52
CA GLU A 227 8.43 -17.13 18.10
C GLU A 227 7.57 -16.76 16.90
N GLU A 228 6.81 -15.67 17.01
CA GLU A 228 5.89 -15.30 15.93
C GLU A 228 6.62 -14.74 14.73
N TYR A 229 7.72 -14.02 14.93
CA TYR A 229 8.43 -13.43 13.80
C TYR A 229 9.28 -14.46 13.07
N ALA A 230 10.13 -15.19 13.81
CA ALA A 230 11.12 -16.05 13.19
C ALA A 230 10.57 -17.44 12.86
N LEU A 231 9.81 -18.04 13.76
CA LEU A 231 9.37 -19.42 13.60
C LEU A 231 8.02 -19.54 12.90
N VAL A 232 7.26 -18.45 12.77
CA VAL A 232 5.98 -18.48 12.10
C VAL A 232 6.05 -17.62 10.84
N ASN A 233 6.11 -16.30 11.02
CA ASN A 233 6.10 -15.39 9.88
C ASN A 233 7.24 -15.69 8.92
N GLN A 234 8.46 -15.87 9.44
CA GLN A 234 9.61 -16.17 8.59
C GLN A 234 9.84 -17.67 8.41
N ASP A 235 9.39 -18.50 9.35
CA ASP A 235 9.55 -19.95 9.29
C ASP A 235 10.97 -20.32 8.88
N ILE A 236 11.92 -19.84 9.70
CA ILE A 236 13.34 -19.97 9.40
C ILE A 236 13.81 -21.41 9.36
N LEU A 237 13.00 -22.34 9.85
CA LEU A 237 13.33 -23.77 9.84
C LEU A 237 12.29 -24.56 9.04
N GLU A 238 11.85 -24.00 7.92
CA GLU A 238 10.79 -24.63 7.14
C GLU A 238 11.28 -25.91 6.49
N ASN A 239 12.45 -25.88 5.86
CA ASN A 239 12.95 -27.01 5.11
C ASN A 239 14.47 -26.99 5.14
N LYS A 240 15.09 -27.99 4.51
CA LYS A 240 16.54 -28.09 4.51
C LYS A 240 17.19 -26.86 3.88
N GLU A 241 16.55 -26.32 2.83
CA GLU A 241 17.14 -25.17 2.14
C GLU A 241 17.34 -24.00 3.10
N SER A 242 16.42 -23.82 4.04
CA SER A 242 16.50 -22.70 4.98
C SER A 242 17.13 -23.06 6.32
N TRP A 243 16.97 -24.30 6.80
CA TRP A 243 17.55 -24.64 8.09
C TRP A 243 19.04 -24.98 7.99
N ASP A 244 19.56 -25.22 6.78
CA ASP A 244 21.01 -25.33 6.62
C ASP A 244 21.68 -23.98 6.81
N LYS A 245 20.97 -22.89 6.54
CA LYS A 245 21.51 -21.56 6.77
C LYS A 245 21.75 -21.31 8.25
N ILE A 246 20.95 -21.95 9.11
CA ILE A 246 21.14 -21.82 10.55
C ILE A 246 22.22 -22.77 11.04
N LEU A 247 22.34 -23.96 10.43
CA LEU A 247 23.42 -24.87 10.80
C LEU A 247 24.79 -24.31 10.45
N ALA A 248 24.86 -23.36 9.49
CA ALA A 248 26.12 -22.71 9.19
C ALA A 248 26.64 -21.89 10.36
N LEU A 249 25.79 -21.59 11.34
CA LEU A 249 26.15 -20.79 12.49
C LEU A 249 26.53 -21.62 13.71
N VAL A 250 26.53 -22.94 13.59
CA VAL A 250 26.83 -23.81 14.73
C VAL A 250 27.96 -24.76 14.33
N PRO A 251 28.64 -25.35 15.32
CA PRO A 251 29.74 -26.26 15.00
C PRO A 251 29.28 -27.47 14.21
N GLU A 252 30.19 -28.02 13.41
CA GLU A 252 29.87 -29.18 12.59
C GLU A 252 29.55 -30.40 13.44
N THR A 253 30.22 -30.55 14.59
CA THR A 253 30.09 -31.77 15.39
C THR A 253 28.66 -32.02 15.85
N ILE A 254 27.74 -31.09 15.64
CA ILE A 254 26.34 -31.28 16.02
C ILE A 254 25.41 -31.18 14.82
N HIS A 255 25.93 -31.03 13.60
CA HIS A 255 25.08 -30.98 12.42
C HIS A 255 24.30 -32.29 12.28
N ASP A 256 24.99 -33.42 12.39
CA ASP A 256 24.33 -34.72 12.23
C ASP A 256 23.17 -34.85 13.21
N GLU A 257 23.40 -34.57 14.48
CA GLU A 257 22.35 -34.72 15.49
C GLU A 257 21.16 -33.83 15.18
N LEU A 258 21.40 -32.62 14.67
CA LEU A 258 20.31 -31.71 14.37
C LEU A 258 19.63 -32.05 13.04
N GLN A 259 20.42 -32.48 12.05
CA GLN A 259 19.85 -32.86 10.76
C GLN A 259 18.72 -33.86 10.93
N GLN A 260 18.93 -34.90 11.73
CA GLN A 260 17.95 -35.96 11.86
C GLN A 260 16.72 -35.48 12.62
N SER A 261 16.92 -34.82 13.76
CA SER A 261 15.78 -34.39 14.57
C SER A 261 14.92 -33.37 13.81
N PHE A 262 15.50 -32.64 12.86
CA PHE A 262 14.71 -31.70 12.06
C PHE A 262 13.77 -32.44 11.12
N GLN A 263 14.30 -33.42 10.38
CA GLN A 263 13.46 -34.19 9.46
C GLN A 263 12.38 -34.96 10.20
N LYS A 264 12.66 -35.38 11.44
CA LYS A 264 11.65 -36.07 12.23
C LYS A 264 10.60 -35.12 12.79
N SER A 265 10.94 -33.85 12.97
CA SER A 265 9.98 -32.84 13.39
C SER A 265 9.15 -32.38 12.20
N HIS A 266 8.17 -31.51 12.45
CA HIS A 266 7.20 -31.13 11.42
C HIS A 266 7.07 -29.62 11.21
N ASN A 267 7.59 -28.78 12.10
CA ASN A 267 7.50 -27.34 11.91
C ASN A 267 8.64 -26.65 12.64
N SER A 268 8.81 -25.36 12.35
CA SER A 268 9.94 -24.61 12.89
C SER A 268 9.88 -24.52 14.41
N LEU A 269 8.69 -24.44 14.99
CA LEU A 269 8.56 -24.36 16.45
CA LEU A 269 8.58 -24.35 16.44
C LEU A 269 9.23 -25.56 17.11
N GLN A 270 8.93 -26.77 16.61
CA GLN A 270 9.53 -27.98 17.17
C GLN A 270 11.02 -28.03 16.91
N ARG A 271 11.44 -27.63 15.71
CA ARG A 271 12.85 -27.72 15.36
C ARG A 271 13.70 -26.74 16.14
N TRP A 272 13.17 -25.55 16.45
CA TRP A 272 13.88 -24.61 17.29
C TRP A 272 14.05 -25.14 18.70
N GLU A 273 13.00 -25.77 19.24
CA GLU A 273 13.09 -26.36 20.58
C GLU A 273 14.17 -27.43 20.63
N HIS A 274 14.34 -28.19 19.55
CA HIS A 274 15.38 -29.21 19.51
C HIS A 274 16.76 -28.56 19.42
N LEU A 275 16.88 -27.47 18.67
CA LEU A 275 18.17 -26.80 18.56
C LEU A 275 18.62 -26.24 19.90
N LYS A 276 17.69 -25.70 20.69
CA LYS A 276 18.04 -25.14 21.98
C LYS A 276 18.56 -26.21 22.92
N LYS A 277 17.94 -27.40 22.91
CA LYS A 277 18.37 -28.46 23.81
C LYS A 277 19.76 -28.97 23.43
N VAL A 278 20.00 -29.19 22.13
CA VAL A 278 21.32 -29.64 21.69
C VAL A 278 22.37 -28.56 21.97
N ALA A 279 22.07 -27.32 21.62
CA ALA A 279 23.06 -26.25 21.73
C ALA A 279 23.49 -26.04 23.18
N SER A 280 22.55 -26.15 24.12
CA SER A 280 22.87 -25.95 25.54
C SER A 280 23.57 -27.15 26.16
N ARG A 281 23.77 -28.23 25.40
CA ARG A 281 24.56 -29.37 25.85
C ARG A 281 25.86 -29.53 25.08
N TYR A 282 26.11 -28.66 24.10
CA TYR A 282 27.38 -28.68 23.39
C TYR A 282 28.50 -28.20 24.32
N GLN A 283 29.59 -28.96 24.37
CA GLN A 283 30.75 -28.55 25.14
C GLN A 283 31.58 -27.59 24.29
N ASN A 284 31.57 -26.31 24.65
CA ASN A 284 32.37 -25.32 23.91
C ASN A 284 33.85 -25.42 24.26
N ASN A 285 34.16 -25.78 25.51
CA ASN A 285 35.53 -25.79 26.01
C ASN A 285 35.75 -27.10 26.76
N ILE A 286 36.77 -27.85 26.36
CA ILE A 286 37.03 -29.13 27.03
C ILE A 286 37.72 -28.94 28.37
N LYS A 287 38.30 -27.77 28.63
CA LYS A 287 38.92 -27.52 29.92
C LYS A 287 37.90 -27.58 31.05
N ASN A 288 36.72 -27.02 30.83
CA ASN A 288 35.71 -26.87 31.86
C ASN A 288 34.48 -27.70 31.50
N ASP A 289 33.56 -27.78 32.46
CA ASP A 289 32.26 -28.43 32.26
C ASP A 289 31.15 -27.38 32.26
N LYS A 290 31.40 -26.26 31.58
CA LYS A 290 30.48 -25.13 31.57
C LYS A 290 29.71 -25.12 30.25
N TYR A 291 28.38 -25.11 30.35
CA TYR A 291 27.50 -25.14 29.20
C TYR A 291 26.51 -23.99 29.30
N GLY A 292 25.97 -23.58 28.16
CA GLY A 292 25.06 -22.46 28.12
C GLY A 292 24.40 -22.26 26.77
N PRO A 293 23.53 -21.24 26.68
CA PRO A 293 22.79 -21.01 25.42
C PRO A 293 23.46 -20.03 24.48
N TRP A 294 24.79 -19.93 24.53
CA TRP A 294 25.49 -18.96 23.69
C TRP A 294 25.10 -19.11 22.21
N LEU A 295 25.11 -20.34 21.70
CA LEU A 295 24.74 -20.55 20.30
C LEU A 295 23.30 -20.13 20.05
N GLU A 296 22.39 -20.48 20.95
CA GLU A 296 21.00 -20.04 20.84
C GLU A 296 20.92 -18.52 20.71
N TRP A 297 21.67 -17.80 21.55
CA TRP A 297 21.62 -16.35 21.52
C TRP A 297 22.25 -15.79 20.25
N GLU A 298 23.37 -16.37 19.82
CA GLU A 298 24.02 -15.89 18.60
C GLU A 298 23.10 -16.01 17.40
N ILE A 299 22.30 -17.08 17.34
CA ILE A 299 21.37 -17.26 16.24
C ILE A 299 20.28 -16.20 16.29
N MET A 300 19.69 -16.00 17.47
N MET A 300 19.68 -16.00 17.46
CA MET A 300 18.61 -15.02 17.59
CA MET A 300 18.61 -15.02 17.59
C MET A 300 19.11 -13.61 17.29
C MET A 300 19.11 -13.61 17.29
N LEU A 301 20.34 -13.30 17.70
CA LEU A 301 20.88 -11.96 17.46
C LEU A 301 21.16 -11.74 15.99
N GLN A 302 21.76 -12.73 15.32
CA GLN A 302 22.09 -12.59 13.91
C GLN A 302 20.84 -12.43 13.05
N TYR A 303 19.70 -12.95 13.50
CA TYR A 303 18.48 -12.86 12.74
C TYR A 303 17.59 -11.68 13.11
N CYS A 304 17.82 -11.06 14.28
CA CYS A 304 16.89 -10.05 14.79
C CYS A 304 17.54 -8.79 15.34
N PHE A 305 18.81 -8.81 15.72
CA PHE A 305 19.41 -7.66 16.37
C PHE A 305 19.59 -6.51 15.38
N PRO A 306 19.39 -5.25 15.81
CA PRO A 306 19.49 -4.13 14.88
C PRO A 306 20.83 -4.06 14.16
N ARG A 307 20.76 -3.71 12.87
CA ARG A 307 21.93 -3.51 12.02
C ARG A 307 21.92 -2.06 11.55
N LEU A 308 22.88 -1.27 12.00
CA LEU A 308 22.90 0.16 11.73
C LEU A 308 23.69 0.45 10.45
N ASP A 309 23.24 1.48 9.72
CA ASP A 309 24.05 2.09 8.68
C ASP A 309 25.09 2.96 9.38
N ILE A 310 26.25 2.37 9.70
CA ILE A 310 27.14 2.96 10.71
C ILE A 310 27.64 4.33 10.27
N ASN A 311 27.95 4.51 8.98
CA ASN A 311 28.56 5.77 8.56
C ASN A 311 27.64 6.96 8.79
N VAL A 312 26.33 6.73 8.85
CA VAL A 312 25.40 7.85 9.07
C VAL A 312 25.59 8.43 10.46
N SER A 313 25.98 7.60 11.43
CA SER A 313 26.07 8.04 12.82
C SER A 313 27.44 8.60 13.19
N LYS A 314 28.49 8.23 12.44
CA LYS A 314 29.84 8.62 12.84
C LYS A 314 30.17 10.05 12.46
N GLY A 315 29.72 10.49 11.29
CA GLY A 315 30.13 11.79 10.78
C GLY A 315 29.27 12.90 11.33
N ILE A 316 29.91 13.99 11.76
CA ILE A 316 29.19 15.13 12.30
C ILE A 316 28.46 15.88 11.19
N ASN A 317 29.06 15.97 10.01
CA ASN A 317 28.50 16.73 8.91
C ASN A 317 27.58 15.92 8.02
N HIS A 318 27.26 14.68 8.41
CA HIS A 318 26.49 13.79 7.55
C HIS A 318 25.05 14.29 7.44
N LEU A 319 24.54 14.31 6.21
CA LEU A 319 23.17 14.71 5.97
C LEU A 319 22.21 13.57 6.25
N LEU A 320 21.02 13.92 6.77
CA LEU A 320 19.97 12.95 6.97
C LEU A 320 18.64 13.57 6.54
N LYS A 321 17.83 12.76 5.84
CA LYS A 321 16.53 13.22 5.39
C LYS A 321 15.73 13.78 6.55
N SER A 322 15.10 14.93 6.32
CA SER A 322 14.37 15.59 7.38
C SER A 322 13.07 14.86 7.69
N PRO A 323 12.60 14.93 8.94
CA PRO A 323 11.22 14.54 9.22
C PRO A 323 10.25 15.40 8.44
N PHE A 324 9.15 14.80 7.99
CA PHE A 324 8.12 15.45 7.19
C PHE A 324 8.60 15.80 5.79
N SER A 325 9.78 15.34 5.41
CA SER A 325 10.18 15.35 4.01
C SER A 325 9.52 14.18 3.29
N VAL A 326 9.35 14.34 1.99
CA VAL A 326 8.85 13.26 1.15
C VAL A 326 10.00 12.36 0.77
N HIS A 327 9.72 11.06 0.68
CA HIS A 327 10.65 10.13 0.04
C HIS A 327 10.33 10.12 -1.45
N PRO A 328 11.14 10.73 -2.31
CA PRO A 328 10.73 10.91 -3.71
C PRO A 328 10.55 9.62 -4.49
N LYS A 329 10.93 8.47 -3.94
CA LYS A 329 10.80 7.21 -4.65
C LYS A 329 9.55 6.43 -4.24
N THR A 330 8.82 6.89 -3.22
CA THR A 330 7.59 6.23 -2.79
C THR A 330 6.44 7.21 -2.60
N GLY A 331 6.69 8.51 -2.56
CA GLY A 331 5.67 9.48 -2.22
C GLY A 331 5.31 9.54 -0.75
N ARG A 332 5.86 8.65 0.07
CA ARG A 332 5.54 8.64 1.49
C ARG A 332 6.22 9.80 2.21
N ILE A 333 5.58 10.29 3.25
CA ILE A 333 6.12 11.36 4.07
C ILE A 333 6.86 10.73 5.24
N SER A 334 8.07 11.22 5.51
CA SER A 334 8.86 10.77 6.64
C SER A 334 8.18 11.26 7.92
N VAL A 335 7.49 10.35 8.61
CA VAL A 335 6.63 10.74 9.74
C VAL A 335 7.22 10.25 11.05
N PRO A 336 7.09 11.02 12.13
CA PRO A 336 7.51 10.52 13.44
C PRO A 336 6.74 9.28 13.84
N ILE A 337 7.37 8.46 14.67
CA ILE A 337 6.80 7.20 15.14
C ILE A 337 6.43 7.37 16.62
N ASP A 338 5.19 7.04 16.95
CA ASP A 338 4.72 7.12 18.33
C ASP A 338 5.39 6.02 19.15
N LEU A 339 6.34 6.40 19.99
CA LEU A 339 7.10 5.41 20.76
C LEU A 339 6.18 4.58 21.67
N GLN A 340 5.06 5.17 22.11
CA GLN A 340 4.12 4.44 22.95
C GLN A 340 3.27 3.44 22.19
N LYS A 341 3.23 3.53 20.86
CA LYS A 341 2.49 2.59 20.02
C LYS A 341 3.41 1.94 18.98
N VAL A 342 4.68 1.73 19.33
CA VAL A 342 5.66 1.29 18.34
C VAL A 342 5.24 -0.04 17.73
N ASP A 343 4.68 -0.94 18.53
CA ASP A 343 4.31 -2.26 18.01
C ASP A 343 3.18 -2.16 16.99
N GLN A 344 2.36 -1.12 17.07
CA GLN A 344 1.22 -0.96 16.17
C GLN A 344 1.54 -0.15 14.92
N PHE A 345 2.75 0.43 14.82
CA PHE A 345 3.07 1.26 13.67
C PHE A 345 2.98 0.45 12.39
N ASP A 346 2.24 0.98 11.42
CA ASP A 346 2.06 0.33 10.11
C ASP A 346 2.61 1.26 9.03
N PRO A 347 3.78 0.96 8.46
CA PRO A 347 4.30 1.82 7.39
C PRO A 347 3.40 1.89 6.17
N PHE A 348 2.42 0.99 6.04
CA PHE A 348 1.58 0.95 4.85
C PHE A 348 0.33 1.79 4.98
N THR A 349 0.03 2.31 6.17
CA THR A 349 -0.95 3.36 6.31
C THR A 349 -0.33 4.75 6.30
N VAL A 350 1.00 4.84 6.22
CA VAL A 350 1.64 6.16 6.17
C VAL A 350 1.13 6.91 4.94
N PRO A 351 0.63 8.13 5.08
CA PRO A 351 0.07 8.82 3.92
C PRO A 351 1.14 9.22 2.92
N THR A 352 0.79 9.15 1.65
CA THR A 352 1.61 9.74 0.60
C THR A 352 1.23 11.21 0.44
N ILE A 353 2.14 11.96 -0.19
CA ILE A 353 1.84 13.36 -0.47
C ILE A 353 0.59 13.48 -1.34
N SER A 354 0.41 12.56 -2.28
CA SER A 354 -0.79 12.57 -3.11
C SER A 354 -2.04 12.33 -2.27
N PHE A 355 -1.95 11.41 -1.31
CA PHE A 355 -3.12 11.06 -0.50
C PHE A 355 -3.61 12.24 0.32
N ILE A 356 -2.68 12.94 1.01
CA ILE A 356 -3.09 14.04 1.87
C ILE A 356 -3.51 15.27 1.07
N CYS A 357 -2.92 15.46 -0.12
CA CYS A 357 -3.39 16.54 -0.98
C CYS A 357 -4.81 16.29 -1.44
N ARG A 358 -5.19 15.02 -1.56
CA ARG A 358 -6.57 14.66 -1.91
C ARG A 358 -7.50 14.90 -0.73
N GLU A 359 -7.11 14.45 0.46
CA GLU A 359 -7.94 14.65 1.64
C GLU A 359 -8.21 16.12 1.88
N LEU A 360 -7.23 16.99 1.57
CA LEU A 360 -7.35 18.40 1.90
C LEU A 360 -8.55 19.03 1.20
N ASP A 361 -8.78 18.68 -0.06
CA ASP A 361 -9.83 19.31 -0.87
C ASP A 361 -10.97 18.36 -1.20
N ALA A 362 -11.11 17.27 -0.45
CA ALA A 362 -12.23 16.36 -0.63
C ALA A 362 -13.41 16.83 0.20
N ILE A 363 -14.57 16.95 -0.44
CA ILE A 363 -15.78 17.41 0.23
C ILE A 363 -16.67 16.22 0.58
N ARG A 384 -7.71 25.12 5.80
CA ARG A 384 -6.95 24.20 4.95
C ARG A 384 -5.54 24.00 5.48
N ASP A 385 -5.43 23.23 6.57
CA ASP A 385 -4.14 22.89 7.14
C ASP A 385 -4.10 21.39 7.42
N TYR A 386 -2.98 20.93 7.99
CA TYR A 386 -2.75 19.49 8.15
C TYR A 386 -3.80 18.82 9.03
N LYS A 387 -4.45 19.56 9.92
CA LYS A 387 -5.44 18.95 10.81
C LYS A 387 -6.61 18.37 10.04
N LYS A 388 -6.84 18.82 8.81
CA LYS A 388 -7.90 18.31 7.95
C LYS A 388 -7.48 17.04 7.20
N THR A 389 -6.32 16.47 7.51
CA THR A 389 -5.76 15.34 6.78
C THR A 389 -5.29 14.27 7.75
N SER A 390 -4.82 13.15 7.19
N SER A 390 -4.82 13.15 7.19
CA SER A 390 -4.30 12.04 7.98
CA SER A 390 -4.29 12.05 7.97
C SER A 390 -2.90 12.32 8.51
C SER A 390 -2.89 12.30 8.49
N LEU A 391 -2.29 13.45 8.16
CA LEU A 391 -0.98 13.82 8.69
C LEU A 391 -1.07 14.32 10.13
N ALA A 392 -2.26 14.71 10.58
CA ALA A 392 -2.42 15.33 11.89
C ALA A 392 -1.85 14.51 13.04
N PRO A 393 -2.18 13.23 13.21
CA PRO A 393 -1.65 12.49 14.38
C PRO A 393 -0.15 12.37 14.37
N TYR A 394 0.48 12.38 13.20
CA TYR A 394 1.94 12.34 13.15
C TYR A 394 2.54 13.65 13.63
N VAL A 395 1.89 14.78 13.35
CA VAL A 395 2.35 16.06 13.88
C VAL A 395 2.22 16.06 15.40
N LYS A 396 1.17 15.42 15.93
CA LYS A 396 0.99 15.38 17.38
C LYS A 396 2.13 14.62 18.06
N VAL A 397 2.60 13.54 17.42
CA VAL A 397 3.80 12.85 17.92
C VAL A 397 4.98 13.81 17.95
N PHE A 398 5.16 14.57 16.87
CA PHE A 398 6.24 15.54 16.82
C PHE A 398 6.10 16.60 17.91
N GLU A 399 4.85 17.02 18.20
CA GLU A 399 4.63 18.05 19.20
C GLU A 399 4.93 17.53 20.61
N HIS A 400 4.54 16.29 20.90
CA HIS A 400 4.89 15.70 22.19
C HIS A 400 6.39 15.71 22.39
N PHE A 401 7.14 15.34 21.35
CA PHE A 401 8.61 15.41 21.40
C PHE A 401 9.08 16.84 21.58
N LEU A 402 8.36 17.82 21.02
CA LEU A 402 8.78 19.21 21.14
C LEU A 402 8.49 19.75 22.53
N GLU A 403 7.38 19.34 23.14
CA GLU A 403 7.04 19.84 24.47
C GLU A 403 8.00 19.32 25.52
N ASN A 404 8.51 18.09 25.37
CA ASN A 404 9.52 17.59 26.28
C ASN A 404 10.82 18.37 26.16
N LEU A 405 11.17 18.81 24.94
CA LEU A 405 12.35 19.63 24.77
C LEU A 405 12.18 20.99 25.46
N ASP A 406 11.00 21.60 25.32
CA ASP A 406 10.75 22.88 25.97
C ASP A 406 10.75 22.75 27.49
N LYS A 407 10.29 21.61 28.02
CA LYS A 407 10.31 21.41 29.46
C LYS A 407 11.73 21.29 29.99
N SER A 408 12.59 20.56 29.28
CA SER A 408 13.98 20.43 29.71
C SER A 408 14.72 21.76 29.68
N ARG A 409 14.19 22.76 28.97
CA ARG A 409 14.82 24.07 28.87
C ARG A 409 14.34 25.04 29.94
N LYS A 410 13.20 24.77 30.57
CA LYS A 410 12.67 25.62 31.62
C LYS A 410 13.35 25.32 32.96
N PHE B 7 -33.03 -16.20 -17.39
CA PHE B 7 -33.34 -17.16 -18.45
C PHE B 7 -33.75 -18.50 -17.82
N ASP B 8 -33.61 -19.59 -18.59
CA ASP B 8 -34.01 -20.91 -18.14
C ASP B 8 -32.84 -21.60 -17.46
N PRO B 9 -32.87 -21.79 -16.14
CA PRO B 9 -31.75 -22.45 -15.46
C PRO B 9 -31.82 -23.97 -15.38
N THR B 10 -32.84 -24.59 -15.99
CA THR B 10 -32.97 -26.04 -15.90
C THR B 10 -31.96 -26.78 -16.76
N GLU B 11 -31.42 -26.14 -17.80
CA GLU B 11 -30.36 -26.75 -18.59
C GLU B 11 -29.01 -26.72 -17.90
N LEU B 12 -28.87 -25.97 -16.81
CA LEU B 12 -27.55 -25.75 -16.23
C LEU B 12 -26.87 -27.04 -15.76
N PRO B 13 -27.53 -27.93 -15.02
CA PRO B 13 -26.82 -29.11 -14.49
C PRO B 13 -26.04 -29.89 -15.53
N GLU B 14 -26.67 -30.26 -16.65
CA GLU B 14 -25.97 -31.05 -17.65
C GLU B 14 -24.93 -30.23 -18.39
N LEU B 15 -25.15 -28.93 -18.57
CA LEU B 15 -24.15 -28.09 -19.21
C LEU B 15 -22.97 -27.83 -18.28
N LEU B 16 -23.24 -27.59 -17.00
CA LEU B 16 -22.17 -27.37 -16.05
C LEU B 16 -21.29 -28.62 -15.92
N LYS B 17 -21.90 -29.81 -15.92
CA LYS B 17 -21.11 -31.04 -15.88
C LYS B 17 -20.14 -31.11 -17.06
N LEU B 18 -20.62 -30.77 -18.26
CA LEU B 18 -19.74 -30.75 -19.42
C LEU B 18 -18.70 -29.64 -19.32
N TYR B 19 -19.11 -28.47 -18.79
CA TYR B 19 -18.20 -27.34 -18.67
C TYR B 19 -17.03 -27.67 -17.76
N TYR B 20 -17.32 -28.17 -16.57
CA TYR B 20 -16.26 -28.48 -15.61
C TYR B 20 -15.40 -29.67 -16.02
N ARG B 21 -15.83 -30.46 -17.00
CA ARG B 21 -15.07 -31.62 -17.43
C ARG B 21 -14.10 -31.32 -18.56
N ARG B 22 -14.44 -30.38 -19.45
CA ARG B 22 -13.67 -30.17 -20.66
C ARG B 22 -13.28 -28.74 -20.95
N LEU B 23 -13.86 -27.76 -20.27
CA LEU B 23 -13.68 -26.37 -20.67
C LEU B 23 -13.10 -25.47 -19.59
N PHE B 24 -13.49 -25.66 -18.33
CA PHE B 24 -12.98 -24.79 -17.28
C PHE B 24 -11.45 -24.88 -17.23
N PRO B 25 -10.73 -23.76 -17.28
CA PRO B 25 -9.25 -23.82 -17.35
C PRO B 25 -8.60 -24.05 -15.98
N TYR B 26 -8.57 -25.31 -15.57
CA TYR B 26 -8.05 -25.63 -14.25
C TYR B 26 -6.58 -25.28 -14.11
N SER B 27 -5.77 -25.62 -15.11
CA SER B 27 -4.33 -25.40 -15.00
C SER B 27 -4.01 -23.93 -14.83
N GLN B 28 -4.65 -23.07 -15.63
CA GLN B 28 -4.46 -21.62 -15.46
C GLN B 28 -5.05 -21.16 -14.13
N TYR B 29 -6.21 -21.70 -13.75
CA TYR B 29 -6.86 -21.31 -12.51
C TYR B 29 -5.96 -21.59 -11.31
N TYR B 30 -5.32 -22.76 -11.29
CA TYR B 30 -4.43 -23.09 -10.19
C TYR B 30 -3.15 -22.26 -10.24
N ARG B 31 -2.61 -22.03 -11.44
CA ARG B 31 -1.45 -21.16 -11.57
C ARG B 31 -1.71 -19.80 -10.95
N TRP B 32 -2.96 -19.31 -11.06
CA TRP B 32 -3.32 -18.03 -10.47
C TRP B 32 -3.26 -18.10 -8.95
N LEU B 33 -4.16 -18.88 -8.36
CA LEU B 33 -4.39 -18.85 -6.92
C LEU B 33 -3.30 -19.57 -6.12
N ASN B 34 -2.39 -20.28 -6.78
CA ASN B 34 -1.24 -20.84 -6.10
C ASN B 34 -0.09 -19.86 -5.99
N TYR B 35 -0.09 -18.80 -6.79
CA TYR B 35 0.92 -17.74 -6.76
C TYR B 35 2.33 -18.33 -6.63
N GLY B 36 2.69 -19.15 -7.62
CA GLY B 36 4.01 -19.73 -7.70
C GLY B 36 4.32 -20.77 -6.65
N GLY B 37 3.42 -21.03 -5.71
CA GLY B 37 3.66 -22.00 -4.67
C GLY B 37 4.79 -21.64 -3.73
N VAL B 38 5.23 -20.38 -3.78
CA VAL B 38 6.37 -19.96 -2.94
C VAL B 38 5.95 -19.89 -1.48
N ILE B 39 4.74 -19.42 -1.20
CA ILE B 39 4.21 -19.40 0.16
C ILE B 39 3.49 -20.72 0.42
N LYS B 40 3.79 -21.33 1.55
CA LYS B 40 3.23 -22.63 1.90
C LYS B 40 1.78 -22.48 2.37
N ASN B 41 0.94 -23.42 1.95
CA ASN B 41 -0.47 -23.46 2.33
C ASN B 41 -1.27 -22.29 1.79
N TYR B 42 -0.74 -21.55 0.81
CA TYR B 42 -1.44 -20.37 0.32
C TYR B 42 -2.73 -20.76 -0.40
N PHE B 43 -2.65 -21.77 -1.27
CA PHE B 43 -3.86 -22.27 -1.93
C PHE B 43 -4.72 -23.07 -0.96
N GLN B 44 -4.08 -23.85 -0.08
CA GLN B 44 -4.81 -24.71 0.84
C GLN B 44 -5.64 -23.93 1.85
N HIS B 45 -5.26 -22.69 2.14
CA HIS B 45 -5.97 -21.88 3.11
C HIS B 45 -6.91 -20.87 2.44
N ARG B 46 -7.12 -20.98 1.13
CA ARG B 46 -8.04 -20.11 0.41
C ARG B 46 -9.47 -20.60 0.59
N GLU B 47 -10.37 -19.69 0.93
CA GLU B 47 -11.79 -20.02 0.98
C GLU B 47 -12.41 -19.98 -0.41
N PHE B 48 -13.20 -21.00 -0.72
CA PHE B 48 -14.11 -21.00 -1.86
C PHE B 48 -15.52 -21.15 -1.34
N SER B 49 -16.48 -20.57 -2.07
CA SER B 49 -17.89 -20.72 -1.75
C SER B 49 -18.62 -21.17 -3.01
N PHE B 50 -19.24 -22.33 -2.95
CA PHE B 50 -19.97 -22.88 -4.08
C PHE B 50 -21.46 -22.58 -3.91
N THR B 51 -22.08 -22.07 -4.95
CA THR B 51 -23.52 -21.89 -4.99
C THR B 51 -24.14 -23.06 -5.73
N LEU B 52 -25.13 -23.70 -5.11
CA LEU B 52 -25.79 -24.85 -5.66
C LEU B 52 -27.12 -24.44 -6.28
N LYS B 53 -28.06 -25.38 -6.38
CA LYS B 53 -29.37 -25.09 -6.92
C LYS B 53 -30.15 -24.15 -5.99
N ASP B 54 -30.95 -23.28 -6.60
CA ASP B 54 -31.89 -22.44 -5.86
C ASP B 54 -31.19 -21.43 -4.96
N ASP B 55 -30.04 -20.91 -5.38
CA ASP B 55 -29.30 -19.90 -4.61
C ASP B 55 -28.94 -20.40 -3.21
N ILE B 56 -28.81 -21.72 -3.05
CA ILE B 56 -28.23 -22.31 -1.85
C ILE B 56 -26.73 -22.37 -2.05
N TYR B 57 -25.98 -21.83 -1.09
CA TYR B 57 -24.53 -21.80 -1.20
C TYR B 57 -23.90 -22.25 0.11
N ILE B 58 -22.71 -22.83 0.00
CA ILE B 58 -21.92 -23.26 1.14
C ILE B 58 -20.56 -22.59 1.05
N ARG B 59 -20.14 -21.94 2.13
CA ARG B 59 -18.85 -21.26 2.15
C ARG B 59 -17.86 -22.01 3.03
N TYR B 60 -16.62 -21.53 3.01
CA TYR B 60 -15.52 -22.13 3.75
C TYR B 60 -15.14 -23.50 3.17
N GLN B 61 -15.19 -23.60 1.85
CA GLN B 61 -14.64 -24.74 1.13
C GLN B 61 -13.15 -24.47 0.85
N SER B 62 -12.34 -25.52 0.98
CA SER B 62 -10.93 -25.41 0.67
C SER B 62 -10.45 -26.75 0.15
N PHE B 63 -9.31 -26.73 -0.54
CA PHE B 63 -8.81 -27.90 -1.25
C PHE B 63 -7.30 -27.99 -1.08
N ASN B 64 -6.78 -29.20 -1.31
CA ASN B 64 -5.37 -29.48 -1.08
C ASN B 64 -4.48 -29.18 -2.28
N ASN B 65 -5.03 -29.18 -3.49
CA ASN B 65 -4.22 -29.06 -4.69
C ASN B 65 -5.16 -28.97 -5.89
N GLN B 66 -4.56 -28.83 -7.07
CA GLN B 66 -5.36 -28.71 -8.29
C GLN B 66 -6.24 -29.92 -8.49
N SER B 67 -5.70 -31.11 -8.28
CA SER B 67 -6.48 -32.34 -8.47
C SER B 67 -7.67 -32.40 -7.53
N ASP B 68 -7.48 -32.02 -6.27
CA ASP B 68 -8.59 -32.04 -5.32
C ASP B 68 -9.67 -31.02 -5.70
N LEU B 69 -9.26 -29.89 -6.29
CA LEU B 69 -10.24 -28.90 -6.73
C LEU B 69 -11.05 -29.43 -7.92
N GLU B 70 -10.37 -30.01 -8.91
CA GLU B 70 -11.06 -30.58 -10.06
C GLU B 70 -12.12 -31.58 -9.63
N LYS B 71 -11.73 -32.57 -8.82
CA LYS B 71 -12.64 -33.65 -8.48
C LYS B 71 -13.85 -33.14 -7.70
N GLU B 72 -13.65 -32.17 -6.81
CA GLU B 72 -14.77 -31.66 -6.02
C GLU B 72 -15.69 -30.78 -6.86
N MET B 73 -15.15 -30.04 -7.83
CA MET B 73 -15.99 -29.26 -8.72
C MET B 73 -16.77 -30.17 -9.67
N GLN B 74 -16.11 -31.22 -10.18
CA GLN B 74 -16.80 -32.18 -11.05
C GLN B 74 -17.81 -33.02 -10.27
N LYS B 75 -17.67 -33.11 -8.95
CA LYS B 75 -18.61 -33.86 -8.13
C LYS B 75 -19.83 -33.04 -7.75
N MET B 76 -19.62 -31.77 -7.39
CA MET B 76 -20.71 -30.91 -6.96
C MET B 76 -21.34 -30.13 -8.11
N ASN B 77 -20.59 -29.89 -9.19
N ASN B 77 -20.57 -29.87 -9.16
CA ASN B 77 -21.07 -29.10 -10.32
CA ASN B 77 -21.06 -29.10 -10.30
C ASN B 77 -21.75 -27.82 -9.82
C ASN B 77 -21.75 -27.83 -9.81
N PRO B 78 -21.00 -26.92 -9.20
CA PRO B 78 -21.63 -25.69 -8.66
C PRO B 78 -22.16 -24.79 -9.76
N TYR B 79 -23.22 -24.06 -9.43
CA TYR B 79 -23.78 -23.09 -10.36
C TYR B 79 -22.87 -21.88 -10.51
N LYS B 80 -22.29 -21.39 -9.41
CA LYS B 80 -21.24 -20.40 -9.48
C LYS B 80 -20.23 -20.66 -8.38
N ILE B 81 -19.04 -20.10 -8.55
CA ILE B 81 -17.94 -20.24 -7.60
C ILE B 81 -17.52 -18.85 -7.17
N ASP B 82 -17.50 -18.62 -5.86
CA ASP B 82 -16.98 -17.39 -5.28
C ASP B 82 -15.60 -17.66 -4.68
N ILE B 83 -14.74 -16.64 -4.72
CA ILE B 83 -13.41 -16.70 -4.15
C ILE B 83 -13.40 -15.80 -2.91
N GLY B 84 -12.76 -16.28 -1.85
CA GLY B 84 -12.61 -15.50 -0.63
C GLY B 84 -11.16 -15.25 -0.29
N ALA B 85 -10.89 -15.05 1.00
CA ALA B 85 -9.56 -14.70 1.47
C ALA B 85 -8.72 -15.95 1.73
N VAL B 86 -7.42 -15.73 1.89
CA VAL B 86 -6.51 -16.75 2.41
C VAL B 86 -6.51 -16.62 3.92
N TYR B 87 -6.83 -17.70 4.62
CA TYR B 87 -7.03 -17.68 6.06
C TYR B 87 -5.82 -18.25 6.79
N SER B 88 -5.84 -18.09 8.12
CA SER B 88 -4.78 -18.61 8.96
C SER B 88 -4.77 -20.14 9.04
N HIS B 89 -5.92 -20.77 8.79
CA HIS B 89 -6.04 -22.23 8.78
C HIS B 89 -6.82 -22.65 7.55
N ARG B 90 -6.89 -23.96 7.34
CA ARG B 90 -7.72 -24.52 6.28
C ARG B 90 -9.18 -24.12 6.52
N PRO B 91 -9.81 -23.40 5.60
CA PRO B 91 -11.22 -23.01 5.81
C PRO B 91 -12.15 -24.17 6.11
N ASN B 92 -11.94 -25.35 5.50
CA ASN B 92 -12.83 -26.47 5.78
C ASN B 92 -12.59 -27.08 7.16
N GLN B 93 -11.62 -26.55 7.93
CA GLN B 93 -11.38 -26.98 9.31
C GLN B 93 -11.64 -25.86 10.30
N HIS B 94 -12.36 -24.81 9.89
CA HIS B 94 -12.48 -23.63 10.72
C HIS B 94 -13.26 -23.88 12.01
N ASN B 95 -14.03 -24.98 12.08
CA ASN B 95 -14.74 -25.30 13.31
C ASN B 95 -13.84 -25.99 14.32
N THR B 96 -12.83 -26.73 13.86
CA THR B 96 -11.89 -27.35 14.78
C THR B 96 -10.89 -26.36 15.34
N VAL B 97 -10.85 -25.14 14.81
CA VAL B 97 -9.96 -24.11 15.32
C VAL B 97 -10.60 -23.48 16.55
N LYS B 98 -9.77 -23.23 17.58
CA LYS B 98 -10.29 -22.64 18.80
C LYS B 98 -10.88 -21.26 18.50
N LEU B 99 -11.95 -20.93 19.22
CA LEU B 99 -12.67 -19.69 18.99
C LEU B 99 -11.72 -18.49 18.95
N GLY B 100 -11.87 -17.68 17.90
CA GLY B 100 -11.11 -16.46 17.76
C GLY B 100 -9.81 -16.58 16.98
N ALA B 101 -9.32 -17.80 16.74
CA ALA B 101 -8.03 -17.98 16.07
C ALA B 101 -8.14 -18.05 14.56
N PHE B 102 -9.33 -18.37 14.02
CA PHE B 102 -9.54 -18.44 12.58
C PHE B 102 -9.67 -17.03 12.03
N GLN B 103 -8.68 -16.59 11.27
CA GLN B 103 -8.60 -15.20 10.83
C GLN B 103 -8.22 -15.13 9.35
N ALA B 104 -8.86 -14.21 8.64
CA ALA B 104 -8.46 -13.92 7.26
C ALA B 104 -7.18 -13.09 7.28
N GLN B 105 -6.20 -13.50 6.48
CA GLN B 105 -4.88 -12.87 6.49
C GLN B 105 -4.54 -12.15 5.20
N GLU B 106 -4.97 -12.65 4.04
CA GLU B 106 -4.64 -12.00 2.78
C GLU B 106 -5.79 -12.18 1.79
N LYS B 107 -5.91 -11.24 0.87
CA LYS B 107 -6.83 -11.37 -0.26
C LYS B 107 -6.55 -10.24 -1.25
N GLU B 108 -6.74 -10.54 -2.53
CA GLU B 108 -6.58 -9.54 -3.56
C GLU B 108 -7.48 -8.33 -3.27
N LEU B 109 -7.07 -7.16 -3.74
CA LEU B 109 -7.90 -5.98 -3.69
C LEU B 109 -8.88 -6.02 -4.85
N VAL B 110 -10.17 -6.12 -4.55
CA VAL B 110 -11.18 -6.33 -5.58
C VAL B 110 -12.10 -5.12 -5.65
N PHE B 111 -12.69 -4.93 -6.82
CA PHE B 111 -13.69 -3.90 -7.07
C PHE B 111 -14.87 -4.54 -7.79
N ASP B 112 -16.08 -4.14 -7.40
CA ASP B 112 -17.32 -4.60 -8.04
C ASP B 112 -18.11 -3.37 -8.46
N ILE B 113 -18.39 -3.26 -9.75
CA ILE B 113 -19.12 -2.12 -10.30
C ILE B 113 -20.40 -2.64 -10.94
N ASP B 114 -21.53 -2.07 -10.54
CA ASP B 114 -22.85 -2.50 -11.01
C ASP B 114 -23.50 -1.37 -11.79
N MET B 115 -24.02 -1.69 -12.98
CA MET B 115 -24.73 -0.69 -13.77
C MET B 115 -25.94 -0.15 -13.01
N THR B 116 -26.52 -0.97 -12.13
CA THR B 116 -27.71 -0.53 -11.40
C THR B 116 -27.44 0.73 -10.59
N ASP B 117 -26.21 0.90 -10.10
CA ASP B 117 -25.87 2.08 -9.32
C ASP B 117 -25.96 3.37 -10.13
N TYR B 118 -26.08 3.29 -11.45
CA TYR B 118 -26.21 4.46 -12.31
C TYR B 118 -27.64 4.71 -12.76
N ASP B 119 -28.63 4.08 -12.13
CA ASP B 119 -30.01 4.19 -12.62
C ASP B 119 -30.48 5.63 -12.66
N ASP B 120 -29.98 6.49 -11.76
CA ASP B 120 -30.42 7.88 -11.74
C ASP B 120 -29.84 8.70 -12.89
N VAL B 121 -28.85 8.18 -13.61
CA VAL B 121 -28.27 8.88 -14.75
C VAL B 121 -28.34 8.04 -16.00
N ARG B 122 -29.04 6.90 -15.93
CA ARG B 122 -29.35 6.09 -17.09
C ARG B 122 -30.78 6.37 -17.56
N ARG B 123 -30.96 6.50 -18.88
CA ARG B 123 -32.28 6.66 -19.46
C ARG B 123 -32.74 5.47 -20.27
N CYS B 124 -31.84 4.57 -20.65
CA CYS B 124 -32.16 3.45 -21.54
C CYS B 124 -32.56 2.20 -20.78
N CYS B 125 -31.92 1.90 -19.66
CA CYS B 125 -32.15 0.68 -18.90
C CYS B 125 -32.37 1.00 -17.43
N SER B 126 -32.77 -0.02 -16.68
CA SER B 126 -32.91 0.09 -15.24
C SER B 126 -32.70 -1.29 -14.62
N SER B 127 -32.49 -1.29 -13.31
CA SER B 127 -32.29 -2.53 -12.54
C SER B 127 -31.08 -3.24 -13.14
N ALA B 128 -31.15 -4.56 -13.39
CA ALA B 128 -30.01 -5.32 -13.86
C ALA B 128 -29.88 -5.36 -15.38
N ASP B 129 -30.68 -4.57 -16.11
CA ASP B 129 -30.59 -4.55 -17.55
C ASP B 129 -29.41 -3.70 -18.01
N ILE B 130 -28.86 -4.07 -19.17
CA ILE B 130 -27.79 -3.32 -19.81
C ILE B 130 -28.02 -3.36 -21.32
N CYS B 131 -27.42 -2.41 -22.01
CA CYS B 131 -27.54 -2.33 -23.46
C CYS B 131 -26.34 -1.56 -23.99
N PRO B 132 -26.10 -1.57 -25.31
CA PRO B 132 -24.96 -0.83 -25.86
C PRO B 132 -25.01 0.66 -25.55
N LYS B 133 -26.18 1.23 -25.25
CA LYS B 133 -26.27 2.67 -25.04
C LYS B 133 -25.68 3.08 -23.69
N CYS B 134 -25.69 2.19 -22.70
CA CYS B 134 -25.17 2.52 -21.38
C CYS B 134 -23.90 1.78 -21.01
N TRP B 135 -23.49 0.77 -21.76
CA TRP B 135 -22.29 0.03 -21.39
C TRP B 135 -21.05 0.90 -21.37
N THR B 136 -21.07 2.04 -22.08
CA THR B 136 -19.93 2.95 -22.07
C THR B 136 -19.60 3.45 -20.67
N LEU B 137 -20.58 3.43 -19.76
CA LEU B 137 -20.28 3.77 -18.36
C LEU B 137 -19.22 2.84 -17.78
N MET B 138 -19.25 1.56 -18.18
CA MET B 138 -18.25 0.61 -17.68
C MET B 138 -16.89 0.83 -18.35
N THR B 139 -16.89 1.17 -19.64
CA THR B 139 -15.63 1.48 -20.31
C THR B 139 -14.92 2.62 -19.60
N MET B 140 -15.66 3.69 -19.26
CA MET B 140 -15.05 4.81 -18.54
C MET B 140 -14.67 4.42 -17.12
N ALA B 141 -15.45 3.55 -16.48
CA ALA B 141 -15.10 3.08 -15.15
C ALA B 141 -13.80 2.31 -15.16
N ILE B 142 -13.65 1.39 -16.13
CA ILE B 142 -12.42 0.62 -16.24
C ILE B 142 -11.24 1.55 -16.47
N ARG B 143 -11.38 2.49 -17.41
CA ARG B 143 -10.25 3.35 -17.76
C ARG B 143 -9.86 4.27 -16.59
N ILE B 144 -10.85 4.86 -15.93
CA ILE B 144 -10.57 5.79 -14.84
C ILE B 144 -9.90 5.07 -13.68
N ILE B 145 -10.46 3.94 -13.26
CA ILE B 145 -9.94 3.23 -12.11
C ILE B 145 -8.62 2.54 -12.44
N ASP B 146 -8.54 1.90 -13.61
CA ASP B 146 -7.32 1.20 -13.96
C ASP B 146 -6.13 2.16 -14.05
N ARG B 147 -6.36 3.36 -14.58
CA ARG B 147 -5.29 4.35 -14.61
C ARG B 147 -4.81 4.68 -13.20
N ALA B 148 -5.75 4.99 -12.30
CA ALA B 148 -5.38 5.31 -10.92
C ALA B 148 -4.63 4.16 -10.26
N LEU B 149 -5.15 2.93 -10.42
CA LEU B 149 -4.50 1.78 -9.82
C LEU B 149 -3.08 1.59 -10.37
N LYS B 150 -2.91 1.83 -11.67
CA LYS B 150 -1.61 1.65 -12.30
C LYS B 150 -0.66 2.80 -11.94
N GLU B 151 -1.10 4.04 -12.19
CA GLU B 151 -0.21 5.19 -12.12
C GLU B 151 -0.14 5.79 -10.72
N ASP B 152 -1.27 5.92 -10.02
CA ASP B 152 -1.27 6.61 -8.75
C ASP B 152 -0.81 5.69 -7.61
N PHE B 153 -1.22 4.42 -7.64
CA PHE B 153 -0.88 3.49 -6.57
C PHE B 153 0.26 2.55 -6.95
N GLY B 154 0.62 2.46 -8.23
CA GLY B 154 1.70 1.59 -8.64
C GLY B 154 1.39 0.11 -8.67
N PHE B 155 0.11 -0.26 -8.76
CA PHE B 155 -0.28 -1.66 -8.83
C PHE B 155 -0.11 -2.17 -10.26
N LYS B 156 0.59 -3.31 -10.39
CA LYS B 156 1.00 -3.81 -11.69
C LYS B 156 0.21 -5.01 -12.20
N HIS B 157 -0.53 -5.70 -11.34
CA HIS B 157 -1.23 -6.93 -11.71
C HIS B 157 -2.73 -6.75 -11.48
N ARG B 158 -3.42 -6.35 -12.54
CA ARG B 158 -4.83 -5.99 -12.46
C ARG B 158 -5.59 -6.81 -13.50
N LEU B 159 -6.54 -7.62 -13.03
CA LEU B 159 -7.33 -8.49 -13.88
C LEU B 159 -8.77 -7.99 -13.87
N TRP B 160 -9.23 -7.47 -15.00
CA TRP B 160 -10.61 -7.02 -15.15
C TRP B 160 -11.46 -8.13 -15.75
N VAL B 161 -12.66 -8.31 -15.21
CA VAL B 161 -13.53 -9.42 -15.55
C VAL B 161 -14.96 -8.91 -15.72
N TYR B 162 -15.65 -9.43 -16.73
CA TYR B 162 -17.08 -9.19 -16.88
C TYR B 162 -17.83 -10.05 -15.88
N SER B 163 -18.69 -9.42 -15.07
CA SER B 163 -19.36 -10.16 -14.01
C SER B 163 -20.42 -11.11 -14.53
N GLY B 164 -20.79 -11.03 -15.82
CA GLY B 164 -21.74 -11.93 -16.41
C GLY B 164 -23.13 -11.37 -16.61
N ARG B 165 -23.47 -10.24 -15.97
CA ARG B 165 -24.80 -9.68 -16.10
C ARG B 165 -24.79 -8.17 -16.23
N ARG B 166 -24.39 -7.46 -15.17
CA ARG B 166 -24.64 -6.02 -15.10
C ARG B 166 -23.40 -5.19 -14.80
N GLY B 167 -22.20 -5.75 -14.91
CA GLY B 167 -21.02 -4.94 -14.66
C GLY B 167 -19.69 -5.65 -14.78
N VAL B 168 -18.68 -5.14 -14.07
CA VAL B 168 -17.32 -5.65 -14.19
C VAL B 168 -16.70 -5.77 -12.80
N HIS B 169 -15.68 -6.60 -12.73
CA HIS B 169 -14.86 -6.78 -11.53
C HIS B 169 -13.42 -6.42 -11.87
N CYS B 170 -12.64 -6.09 -10.84
CA CYS B 170 -11.21 -5.94 -10.97
C CYS B 170 -10.51 -6.68 -9.83
N TRP B 171 -9.52 -7.50 -10.17
CA TRP B 171 -8.69 -8.20 -9.20
C TRP B 171 -7.30 -7.60 -9.25
N VAL B 172 -6.88 -6.96 -8.16
CA VAL B 172 -5.52 -6.43 -8.03
C VAL B 172 -4.74 -7.44 -7.20
N CYS B 173 -3.68 -8.00 -7.80
CA CYS B 173 -3.06 -9.21 -7.27
C CYS B 173 -1.59 -9.05 -6.92
N ASP B 174 -1.05 -7.83 -6.89
CA ASP B 174 0.30 -7.62 -6.41
C ASP B 174 0.45 -8.19 -5.01
N GLU B 175 1.58 -8.85 -4.74
CA GLU B 175 1.73 -9.53 -3.46
C GLU B 175 1.70 -8.55 -2.29
N SER B 176 2.15 -7.32 -2.50
CA SER B 176 2.04 -6.31 -1.45
C SER B 176 0.59 -5.84 -1.26
N VAL B 177 -0.21 -5.88 -2.33
CA VAL B 177 -1.61 -5.48 -2.21
C VAL B 177 -2.40 -6.54 -1.44
N ARG B 178 -2.08 -7.81 -1.65
CA ARG B 178 -2.81 -8.88 -0.98
C ARG B 178 -2.66 -8.81 0.54
N LYS B 179 -1.62 -8.16 1.05
CA LYS B 179 -1.39 -8.06 2.48
C LYS B 179 -2.02 -6.83 3.11
N LEU B 180 -2.61 -5.94 2.31
CA LEU B 180 -3.18 -4.71 2.86
C LEU B 180 -4.29 -5.02 3.85
N SER B 181 -4.39 -4.19 4.88
CA SER B 181 -5.44 -4.30 5.86
C SER B 181 -6.73 -3.67 5.33
N SER B 182 -7.83 -3.92 6.04
CA SER B 182 -9.10 -3.29 5.69
C SER B 182 -8.99 -1.77 5.69
N ALA B 183 -8.24 -1.22 6.65
CA ALA B 183 -8.13 0.23 6.78
C ALA B 183 -7.48 0.85 5.54
N VAL B 184 -6.39 0.26 5.06
CA VAL B 184 -5.75 0.76 3.86
C VAL B 184 -6.70 0.63 2.67
N ARG B 185 -7.44 -0.48 2.61
CA ARG B 185 -8.38 -0.68 1.50
C ARG B 185 -9.43 0.42 1.48
N SER B 186 -9.96 0.79 2.66
CA SER B 186 -10.93 1.89 2.71
C SER B 186 -10.30 3.20 2.25
N GLY B 187 -9.05 3.45 2.63
CA GLY B 187 -8.37 4.64 2.16
C GLY B 187 -8.27 4.69 0.65
N ILE B 188 -8.03 3.52 0.03
CA ILE B 188 -7.98 3.43 -1.42
C ILE B 188 -9.33 3.78 -2.03
N VAL B 189 -10.41 3.25 -1.45
CA VAL B 189 -11.75 3.54 -1.94
C VAL B 189 -12.04 5.03 -1.85
N GLU B 190 -11.70 5.65 -0.72
CA GLU B 190 -11.94 7.08 -0.54
C GLU B 190 -11.22 7.90 -1.60
N TYR B 191 -9.94 7.58 -1.84
CA TYR B 191 -9.17 8.30 -2.85
C TYR B 191 -9.82 8.19 -4.23
N LEU B 192 -10.51 7.08 -4.49
CA LEU B 192 -11.08 6.83 -5.82
C LEU B 192 -12.53 7.32 -5.95
N SER B 193 -13.13 7.81 -4.87
CA SER B 193 -14.56 8.10 -4.87
C SER B 193 -14.82 9.60 -5.04
N LEU B 194 -15.79 9.92 -5.89
CA LEU B 194 -16.28 11.29 -6.04
C LEU B 194 -17.79 11.41 -6.00
N VAL B 195 -18.54 10.36 -6.32
CA VAL B 195 -20.00 10.40 -6.36
C VAL B 195 -20.49 9.82 -5.04
N LYS B 196 -21.05 10.68 -4.19
CA LYS B 196 -21.45 10.30 -2.84
C LYS B 196 -22.88 10.74 -2.59
N GLY B 197 -23.67 9.86 -2.01
CA GLY B 197 -25.06 10.18 -1.66
C GLY B 197 -26.04 9.20 -2.26
N GLY B 198 -27.12 8.95 -1.53
CA GLY B 198 -28.19 8.09 -1.97
C GLY B 198 -29.23 8.84 -2.78
N GLN B 199 -30.40 8.21 -2.93
CA GLN B 199 -31.50 8.86 -3.63
C GLN B 199 -31.96 10.12 -2.93
N ASP B 200 -31.66 10.26 -1.64
CA ASP B 200 -32.03 11.47 -0.90
C ASP B 200 -31.28 12.69 -1.43
N VAL B 201 -30.10 12.49 -1.99
CA VAL B 201 -29.24 13.59 -2.41
C VAL B 201 -29.34 13.75 -3.92
N LYS B 202 -29.64 14.97 -4.37
CA LYS B 202 -29.74 15.23 -5.80
C LYS B 202 -28.37 15.52 -6.41
N LYS B 203 -27.61 16.43 -5.82
CA LYS B 203 -26.26 16.72 -6.30
C LYS B 203 -25.26 15.87 -5.52
N LYS B 204 -24.56 14.99 -6.24
CA LYS B 204 -23.71 13.98 -5.64
C LYS B 204 -22.22 14.28 -5.78
N VAL B 205 -21.85 15.35 -6.48
CA VAL B 205 -20.45 15.68 -6.71
C VAL B 205 -20.23 17.16 -6.38
N HIS B 206 -19.23 17.44 -5.55
CA HIS B 206 -18.83 18.80 -5.24
C HIS B 206 -17.31 18.89 -5.33
N LEU B 207 -16.81 19.84 -6.11
CA LEU B 207 -15.39 20.04 -6.31
C LEU B 207 -14.94 21.29 -5.56
N SER B 208 -13.75 21.21 -4.99
CA SER B 208 -13.12 22.39 -4.40
C SER B 208 -12.43 23.20 -5.48
N GLU B 209 -12.02 24.43 -5.12
CA GLU B 209 -11.32 25.27 -6.07
C GLU B 209 -10.04 24.61 -6.55
N LYS B 210 -9.28 24.01 -5.64
CA LYS B 210 -8.04 23.33 -5.99
C LYS B 210 -8.34 21.95 -6.55
N ILE B 211 -7.81 21.67 -7.75
CA ILE B 211 -8.09 20.44 -8.48
C ILE B 211 -6.94 19.47 -8.28
N HIS B 212 -7.23 18.33 -7.67
CA HIS B 212 -6.23 17.27 -7.49
C HIS B 212 -5.99 16.56 -8.82
N PRO B 213 -4.75 16.17 -9.12
CA PRO B 213 -4.48 15.51 -10.42
C PRO B 213 -5.38 14.33 -10.73
N PHE B 214 -5.79 13.55 -9.72
CA PHE B 214 -6.70 12.43 -9.96
C PHE B 214 -8.00 12.92 -10.59
N ILE B 215 -8.52 14.05 -10.12
CA ILE B 215 -9.78 14.57 -10.68
C ILE B 215 -9.55 15.02 -12.12
N ARG B 216 -8.46 15.75 -12.37
CA ARG B 216 -8.15 16.21 -13.72
C ARG B 216 -8.06 15.03 -14.68
N LYS B 217 -7.30 14.00 -14.29
CA LYS B 217 -7.07 12.87 -15.19
C LYS B 217 -8.33 12.04 -15.40
N SER B 218 -9.19 11.95 -14.39
CA SER B 218 -10.46 11.25 -14.57
C SER B 218 -11.39 12.04 -15.48
N ILE B 219 -11.40 13.36 -15.32
CA ILE B 219 -12.19 14.22 -16.20
C ILE B 219 -11.74 14.07 -17.64
N ASN B 220 -10.43 14.01 -17.87
CA ASN B 220 -9.92 13.94 -19.23
C ASN B 220 -10.33 12.63 -19.91
N ILE B 221 -10.45 11.55 -19.15
CA ILE B 221 -10.97 10.31 -19.72
C ILE B 221 -12.44 10.47 -20.11
N ILE B 222 -13.24 11.01 -19.20
CA ILE B 222 -14.66 11.21 -19.48
C ILE B 222 -14.84 12.09 -20.72
N LYS B 223 -13.99 13.12 -20.86
CA LYS B 223 -14.13 14.04 -21.98
C LYS B 223 -14.04 13.32 -23.32
N LYS B 224 -13.29 12.21 -23.39
CA LYS B 224 -13.16 11.49 -24.64
C LYS B 224 -14.46 10.81 -25.05
N TYR B 225 -15.30 10.43 -24.10
CA TYR B 225 -16.53 9.69 -24.37
C TYR B 225 -17.79 10.51 -24.17
N PHE B 226 -17.70 11.72 -23.60
CA PHE B 226 -18.90 12.39 -23.11
C PHE B 226 -19.84 12.78 -24.25
N GLU B 227 -19.30 13.24 -25.37
CA GLU B 227 -20.15 13.72 -26.45
C GLU B 227 -21.03 12.58 -27.00
N GLU B 228 -20.42 11.45 -27.34
CA GLU B 228 -21.19 10.37 -27.95
C GLU B 228 -22.05 9.65 -26.91
N TYR B 229 -21.58 9.51 -25.67
CA TYR B 229 -22.35 8.78 -24.69
C TYR B 229 -23.48 9.63 -24.11
N ALA B 230 -23.16 10.81 -23.60
CA ALA B 230 -24.14 11.60 -22.86
C ALA B 230 -25.04 12.41 -23.78
N LEU B 231 -24.46 13.04 -24.80
CA LEU B 231 -25.21 13.97 -25.65
C LEU B 231 -25.87 13.29 -26.85
N VAL B 232 -25.50 12.06 -27.18
CA VAL B 232 -26.10 11.35 -28.30
C VAL B 232 -26.83 10.10 -27.79
N ASN B 233 -26.06 9.13 -27.29
CA ASN B 233 -26.66 7.86 -26.86
C ASN B 233 -27.73 8.09 -25.79
N GLN B 234 -27.41 8.90 -24.78
CA GLN B 234 -28.35 9.14 -23.69
C GLN B 234 -29.20 10.39 -23.90
N ASP B 235 -28.74 11.34 -24.71
CA ASP B 235 -29.49 12.55 -25.01
C ASP B 235 -29.98 13.22 -23.73
N ILE B 236 -29.03 13.53 -22.84
CA ILE B 236 -29.35 14.02 -21.51
C ILE B 236 -30.01 15.39 -21.51
N LEU B 237 -29.95 16.11 -22.63
CA LEU B 237 -30.59 17.42 -22.77
C LEU B 237 -31.64 17.38 -23.88
N GLU B 238 -32.35 16.25 -24.01
CA GLU B 238 -33.32 16.10 -25.10
C GLU B 238 -34.51 17.02 -24.91
N ASN B 239 -35.04 17.10 -23.68
CA ASN B 239 -36.26 17.86 -23.42
C ASN B 239 -36.20 18.37 -21.98
N LYS B 240 -37.23 19.12 -21.59
CA LYS B 240 -37.24 19.73 -20.26
C LYS B 240 -37.24 18.68 -19.16
N GLU B 241 -37.92 17.55 -19.39
CA GLU B 241 -37.98 16.53 -18.35
C GLU B 241 -36.60 16.08 -17.92
N SER B 242 -35.67 15.96 -18.87
CA SER B 242 -34.34 15.44 -18.57
C SER B 242 -33.32 16.54 -18.30
N TRP B 243 -33.46 17.70 -18.94
CA TRP B 243 -32.50 18.77 -18.68
C TRP B 243 -32.78 19.49 -17.37
N ASP B 244 -33.99 19.33 -16.81
CA ASP B 244 -34.23 19.81 -15.45
C ASP B 244 -33.44 18.99 -14.44
N LYS B 245 -33.18 17.71 -14.74
CA LYS B 245 -32.29 16.93 -13.88
C LYS B 245 -30.90 17.51 -13.87
N ILE B 246 -30.47 18.14 -14.97
CA ILE B 246 -29.15 18.75 -15.02
C ILE B 246 -29.17 20.14 -14.38
N LEU B 247 -30.27 20.87 -14.54
CA LEU B 247 -30.40 22.16 -13.86
C LEU B 247 -30.46 21.98 -12.34
N ALA B 248 -30.89 20.82 -11.86
CA ALA B 248 -30.87 20.56 -10.42
C ALA B 248 -29.45 20.56 -9.87
N LEU B 249 -28.44 20.44 -10.72
CA LEU B 249 -27.05 20.35 -10.29
C LEU B 249 -26.33 21.70 -10.32
N VAL B 250 -27.01 22.77 -10.68
CA VAL B 250 -26.38 24.08 -10.82
C VAL B 250 -27.15 25.06 -9.94
N PRO B 251 -26.54 26.19 -9.59
CA PRO B 251 -27.23 27.17 -8.76
C PRO B 251 -28.46 27.75 -9.45
N GLU B 252 -29.45 28.12 -8.63
CA GLU B 252 -30.72 28.61 -9.16
C GLU B 252 -30.54 29.88 -9.99
N THR B 253 -29.57 30.72 -9.63
CA THR B 253 -29.46 32.04 -10.25
C THR B 253 -29.15 31.97 -11.74
N ILE B 254 -28.87 30.80 -12.30
CA ILE B 254 -28.60 30.66 -13.73
C ILE B 254 -29.61 29.75 -14.42
N HIS B 255 -30.62 29.25 -13.70
CA HIS B 255 -31.61 28.38 -14.32
C HIS B 255 -32.34 29.09 -15.45
N ASP B 256 -32.86 30.29 -15.18
CA ASP B 256 -33.64 31.02 -16.17
C ASP B 256 -32.83 31.23 -17.45
N GLU B 257 -31.59 31.70 -17.31
CA GLU B 257 -30.76 31.95 -18.49
C GLU B 257 -30.60 30.69 -19.33
N LEU B 258 -30.48 29.53 -18.68
CA LEU B 258 -30.31 28.28 -19.39
C LEU B 258 -31.64 27.75 -19.92
N GLN B 259 -32.72 27.90 -19.14
CA GLN B 259 -34.04 27.52 -19.61
C GLN B 259 -34.32 28.09 -20.98
N GLN B 260 -34.01 29.38 -21.17
CA GLN B 260 -34.32 30.06 -22.42
C GLN B 260 -33.41 29.59 -23.55
N SER B 261 -32.10 29.55 -23.30
CA SER B 261 -31.17 29.11 -24.33
C SER B 261 -31.40 27.66 -24.72
N PHE B 262 -31.96 26.86 -23.81
CA PHE B 262 -32.27 25.46 -24.12
C PHE B 262 -33.44 25.39 -25.11
N GLN B 263 -34.52 26.10 -24.81
CA GLN B 263 -35.69 26.06 -25.70
C GLN B 263 -35.36 26.61 -27.08
N LYS B 264 -34.45 27.58 -27.17
CA LYS B 264 -34.07 28.12 -28.47
C LYS B 264 -33.15 27.19 -29.24
N SER B 265 -32.38 26.36 -28.54
CA SER B 265 -31.59 25.34 -29.20
C SER B 265 -32.46 24.16 -29.58
N HIS B 266 -31.88 23.21 -30.32
CA HIS B 266 -32.64 22.13 -30.91
C HIS B 266 -32.13 20.73 -30.57
N ASN B 267 -30.95 20.60 -29.97
CA ASN B 267 -30.42 19.28 -29.65
C ASN B 267 -29.47 19.41 -28.46
N SER B 268 -29.08 18.24 -27.91
CA SER B 268 -28.25 18.23 -26.71
C SER B 268 -26.88 18.83 -26.96
N LEU B 269 -26.32 18.64 -28.15
CA LEU B 269 -25.00 19.19 -28.45
C LEU B 269 -24.97 20.70 -28.25
N GLN B 270 -25.87 21.41 -28.93
CA GLN B 270 -25.92 22.86 -28.82
C GLN B 270 -26.21 23.29 -27.38
N ARG B 271 -27.10 22.57 -26.69
CA ARG B 271 -27.45 22.94 -25.34
C ARG B 271 -26.29 22.71 -24.36
N TRP B 272 -25.48 21.68 -24.60
CA TRP B 272 -24.30 21.48 -23.76
C TRP B 272 -23.29 22.60 -23.99
N GLU B 273 -23.12 23.04 -25.23
CA GLU B 273 -22.22 24.14 -25.51
C GLU B 273 -22.66 25.41 -24.79
N HIS B 274 -23.97 25.64 -24.69
CA HIS B 274 -24.47 26.78 -23.93
C HIS B 274 -24.22 26.61 -22.44
N LEU B 275 -24.40 25.39 -21.93
CA LEU B 275 -24.23 25.16 -20.50
C LEU B 275 -22.79 25.41 -20.07
N LYS B 276 -21.82 25.01 -20.91
CA LYS B 276 -20.42 25.23 -20.56
C LYS B 276 -20.08 26.71 -20.53
N LYS B 277 -20.64 27.50 -21.45
CA LYS B 277 -20.35 28.92 -21.48
C LYS B 277 -20.90 29.61 -20.23
N VAL B 278 -22.15 29.34 -19.89
CA VAL B 278 -22.75 29.97 -18.71
C VAL B 278 -22.02 29.52 -17.44
N ALA B 279 -21.77 28.22 -17.32
CA ALA B 279 -21.16 27.70 -16.11
C ALA B 279 -19.78 28.32 -15.88
N SER B 280 -19.02 28.54 -16.95
CA SER B 280 -17.69 29.10 -16.83
C SER B 280 -17.69 30.61 -16.61
N ARG B 281 -18.87 31.24 -16.57
CA ARG B 281 -18.98 32.64 -16.20
C ARG B 281 -19.65 32.85 -14.86
N TYR B 282 -20.13 31.78 -14.22
CA TYR B 282 -20.76 31.92 -12.91
C TYR B 282 -19.70 32.20 -11.86
N GLN B 283 -19.97 33.20 -11.02
CA GLN B 283 -19.05 33.59 -9.94
C GLN B 283 -19.42 32.78 -8.70
N ASN B 284 -18.66 31.72 -8.43
CA ASN B 284 -18.95 30.87 -7.29
C ASN B 284 -18.87 31.64 -5.98
N ASN B 285 -17.78 32.38 -5.79
CA ASN B 285 -17.58 33.18 -4.60
C ASN B 285 -17.57 34.65 -4.99
N ILE B 286 -18.39 35.46 -4.30
CA ILE B 286 -18.51 36.87 -4.65
C ILE B 286 -17.29 37.66 -4.22
N LYS B 287 -16.49 37.13 -3.28
CA LYS B 287 -15.32 37.85 -2.80
C LYS B 287 -14.24 37.91 -3.86
N ASN B 288 -14.01 36.82 -4.60
CA ASN B 288 -12.96 36.75 -5.59
C ASN B 288 -13.54 36.83 -7.00
N ASP B 289 -12.64 36.99 -7.97
CA ASP B 289 -13.00 37.08 -9.38
C ASP B 289 -12.49 35.86 -10.15
N LYS B 290 -12.65 34.67 -9.57
CA LYS B 290 -12.13 33.45 -10.15
C LYS B 290 -13.25 32.64 -10.79
N TYR B 291 -13.06 32.27 -12.04
CA TYR B 291 -14.04 31.51 -12.82
C TYR B 291 -13.38 30.22 -13.33
N GLY B 292 -14.21 29.20 -13.56
CA GLY B 292 -13.70 27.92 -13.95
C GLY B 292 -14.77 26.92 -14.37
N PRO B 293 -14.35 25.68 -14.64
CA PRO B 293 -15.29 24.66 -15.13
C PRO B 293 -15.80 23.73 -14.05
N TRP B 294 -15.80 24.18 -12.80
CA TRP B 294 -16.19 23.30 -11.70
C TRP B 294 -17.58 22.71 -11.92
N LEU B 295 -18.56 23.57 -12.25
CA LEU B 295 -19.90 23.08 -12.47
C LEU B 295 -19.96 22.11 -13.65
N GLU B 296 -19.29 22.45 -14.74
CA GLU B 296 -19.22 21.55 -15.89
C GLU B 296 -18.70 20.18 -15.47
N TRP B 297 -17.61 20.15 -14.70
CA TRP B 297 -17.03 18.87 -14.30
C TRP B 297 -17.92 18.14 -13.32
N GLU B 298 -18.59 18.87 -12.41
CA GLU B 298 -19.47 18.20 -11.46
C GLU B 298 -20.60 17.48 -12.16
N ILE B 299 -21.10 18.05 -13.26
CA ILE B 299 -22.15 17.39 -14.04
C ILE B 299 -21.59 16.16 -14.75
N MET B 300 -20.44 16.30 -15.40
N MET B 300 -20.44 16.30 -15.41
CA MET B 300 -19.85 15.18 -16.12
CA MET B 300 -19.85 15.17 -16.12
C MET B 300 -19.51 14.04 -15.17
C MET B 300 -19.51 14.03 -15.16
N LEU B 301 -18.99 14.35 -13.98
CA LEU B 301 -18.61 13.32 -13.02
C LEU B 301 -19.84 12.61 -12.47
N GLN B 302 -20.90 13.36 -12.15
CA GLN B 302 -22.09 12.74 -11.61
C GLN B 302 -22.72 11.77 -12.62
N TYR B 303 -22.55 12.03 -13.91
CA TYR B 303 -23.18 11.20 -14.93
C TYR B 303 -22.28 10.08 -15.44
N CYS B 304 -20.96 10.16 -15.22
CA CYS B 304 -20.04 9.23 -15.85
C CYS B 304 -18.97 8.66 -14.92
N PHE B 305 -18.72 9.26 -13.76
CA PHE B 305 -17.62 8.80 -12.93
C PHE B 305 -17.98 7.45 -12.30
N PRO B 306 -17.00 6.55 -12.15
CA PRO B 306 -17.30 5.24 -11.57
C PRO B 306 -17.94 5.33 -10.20
N ARG B 307 -18.95 4.49 -9.98
CA ARG B 307 -19.62 4.34 -8.70
C ARG B 307 -19.32 2.93 -8.20
N LEU B 308 -18.56 2.83 -7.11
CA LEU B 308 -18.11 1.56 -6.60
C LEU B 308 -19.08 0.98 -5.59
N ASP B 309 -19.27 -0.34 -5.66
CA ASP B 309 -19.95 -1.09 -4.61
C ASP B 309 -18.97 -1.19 -3.44
N ILE B 310 -18.91 -0.11 -2.64
CA ILE B 310 -17.72 0.14 -1.83
C ILE B 310 -17.45 -0.97 -0.81
N ASN B 311 -18.49 -1.63 -0.29
CA ASN B 311 -18.25 -2.60 0.77
C ASN B 311 -17.46 -3.80 0.28
N VAL B 312 -17.52 -4.08 -1.02
CA VAL B 312 -16.81 -5.22 -1.59
C VAL B 312 -15.30 -5.04 -1.46
N SER B 313 -14.82 -3.80 -1.53
CA SER B 313 -13.40 -3.52 -1.53
C SER B 313 -12.81 -3.37 -0.13
N LYS B 314 -13.63 -3.04 0.86
CA LYS B 314 -13.10 -2.71 2.18
C LYS B 314 -12.84 -3.96 3.03
N GLY B 315 -13.69 -4.97 2.91
CA GLY B 315 -13.59 -6.15 3.75
C GLY B 315 -12.63 -7.17 3.21
N ILE B 316 -11.78 -7.71 4.10
CA ILE B 316 -10.79 -8.70 3.69
C ILE B 316 -11.44 -10.04 3.39
N ASN B 317 -12.52 -10.36 4.09
CA ASN B 317 -13.15 -11.67 3.98
C ASN B 317 -14.27 -11.71 2.92
N HIS B 318 -14.43 -10.64 2.13
CA HIS B 318 -15.56 -10.55 1.22
C HIS B 318 -15.40 -11.52 0.04
N LEU B 319 -16.47 -12.25 -0.24
CA LEU B 319 -16.49 -13.17 -1.38
C LEU B 319 -16.80 -12.43 -2.67
N LEU B 320 -16.17 -12.87 -3.75
CA LEU B 320 -16.44 -12.32 -5.07
C LEU B 320 -16.50 -13.46 -6.09
N LYS B 321 -17.47 -13.39 -7.00
CA LYS B 321 -17.64 -14.47 -7.95
C LYS B 321 -16.38 -14.64 -8.79
N SER B 322 -15.99 -15.88 -8.98
CA SER B 322 -14.71 -16.18 -9.61
C SER B 322 -14.74 -15.86 -11.10
N PRO B 323 -13.61 -15.44 -11.66
CA PRO B 323 -13.49 -15.45 -13.13
C PRO B 323 -13.67 -16.87 -13.65
N PHE B 324 -14.31 -16.97 -14.81
CA PHE B 324 -14.67 -18.23 -15.46
C PHE B 324 -15.75 -19.00 -14.69
N SER B 325 -16.35 -18.39 -13.68
CA SER B 325 -17.60 -18.91 -13.13
C SER B 325 -18.77 -18.49 -14.04
N VAL B 326 -19.80 -19.31 -14.04
CA VAL B 326 -21.03 -18.96 -14.75
C VAL B 326 -21.85 -18.04 -13.87
N HIS B 327 -22.54 -17.08 -14.49
CA HIS B 327 -23.55 -16.28 -13.80
C HIS B 327 -24.87 -17.04 -13.88
N PRO B 328 -25.37 -17.61 -12.79
CA PRO B 328 -26.53 -18.52 -12.91
C PRO B 328 -27.82 -17.86 -13.36
N LYS B 329 -27.87 -16.54 -13.47
CA LYS B 329 -29.08 -15.86 -13.92
C LYS B 329 -29.02 -15.44 -15.37
N THR B 330 -27.88 -15.64 -16.05
CA THR B 330 -27.78 -15.33 -17.47
C THR B 330 -27.12 -16.44 -18.28
N GLY B 331 -26.51 -17.43 -17.66
CA GLY B 331 -25.75 -18.41 -18.39
C GLY B 331 -24.46 -17.90 -18.99
N ARG B 332 -24.14 -16.62 -18.80
CA ARG B 332 -22.90 -16.06 -19.31
C ARG B 332 -21.73 -16.48 -18.43
N ILE B 333 -20.56 -16.58 -19.03
CA ILE B 333 -19.34 -16.89 -18.30
C ILE B 333 -18.64 -15.59 -17.95
N SER B 334 -18.18 -15.49 -16.71
CA SER B 334 -17.39 -14.35 -16.24
C SER B 334 -16.04 -14.38 -16.94
N VAL B 335 -15.88 -13.56 -17.98
CA VAL B 335 -14.68 -13.63 -18.82
C VAL B 335 -13.77 -12.44 -18.55
N PRO B 336 -12.45 -12.64 -18.53
CA PRO B 336 -11.54 -11.48 -18.46
C PRO B 336 -11.73 -10.55 -19.65
N ILE B 337 -11.40 -9.29 -19.44
CA ILE B 337 -11.53 -8.24 -20.44
C ILE B 337 -10.14 -7.85 -20.91
N ASP B 338 -9.93 -7.91 -22.23
CA ASP B 338 -8.66 -7.48 -22.81
C ASP B 338 -8.54 -5.97 -22.64
N LEU B 339 -7.64 -5.54 -21.75
N LEU B 339 -7.63 -5.55 -21.75
CA LEU B 339 -7.53 -4.12 -21.45
CA LEU B 339 -7.50 -4.13 -21.43
C LEU B 339 -7.13 -3.31 -22.67
C LEU B 339 -7.10 -3.31 -22.66
N GLN B 340 -6.44 -3.94 -23.64
CA GLN B 340 -6.04 -3.23 -24.85
C GLN B 340 -7.19 -3.06 -25.83
N LYS B 341 -8.31 -3.78 -25.64
CA LYS B 341 -9.48 -3.67 -26.50
C LYS B 341 -10.73 -3.35 -25.68
N VAL B 342 -10.57 -2.58 -24.60
CA VAL B 342 -11.66 -2.37 -23.66
C VAL B 342 -12.84 -1.68 -24.37
N ASP B 343 -12.54 -0.75 -25.27
CA ASP B 343 -13.60 -0.03 -25.96
C ASP B 343 -14.47 -0.97 -26.78
N GLN B 344 -13.90 -2.10 -27.25
CA GLN B 344 -14.61 -3.03 -28.11
C GLN B 344 -15.35 -4.12 -27.34
N PHE B 345 -15.20 -4.21 -26.03
CA PHE B 345 -15.81 -5.31 -25.29
C PHE B 345 -17.33 -5.23 -25.40
N ASP B 346 -17.94 -6.34 -25.81
CA ASP B 346 -19.38 -6.40 -26.03
C ASP B 346 -20.01 -7.47 -25.16
N PRO B 347 -20.68 -7.11 -24.07
CA PRO B 347 -21.30 -8.15 -23.23
C PRO B 347 -22.41 -8.92 -23.94
N PHE B 348 -23.05 -8.35 -24.95
CA PHE B 348 -24.13 -9.05 -25.64
C PHE B 348 -23.64 -10.28 -26.39
N THR B 349 -22.36 -10.34 -26.74
CA THR B 349 -21.79 -11.46 -27.47
C THR B 349 -20.84 -12.29 -26.61
N VAL B 350 -20.77 -12.02 -25.30
CA VAL B 350 -19.99 -12.89 -24.42
C VAL B 350 -20.57 -14.29 -24.46
N PRO B 351 -19.74 -15.33 -24.55
CA PRO B 351 -20.31 -16.69 -24.72
C PRO B 351 -21.06 -17.15 -23.49
N THR B 352 -22.14 -17.89 -23.75
CA THR B 352 -22.89 -18.58 -22.71
C THR B 352 -22.37 -19.99 -22.55
N ILE B 353 -22.69 -20.61 -21.41
CA ILE B 353 -22.27 -21.98 -21.19
C ILE B 353 -22.89 -22.89 -22.24
N SER B 354 -24.13 -22.60 -22.64
CA SER B 354 -24.79 -23.41 -23.66
C SER B 354 -24.08 -23.29 -25.01
N PHE B 355 -23.64 -22.08 -25.36
CA PHE B 355 -23.02 -21.87 -26.66
C PHE B 355 -21.71 -22.63 -26.78
N ILE B 356 -20.85 -22.52 -25.78
CA ILE B 356 -19.53 -23.16 -25.90
C ILE B 356 -19.65 -24.67 -25.74
N CYS B 357 -20.66 -25.14 -25.00
CA CYS B 357 -20.89 -26.59 -24.92
C CYS B 357 -21.32 -27.14 -26.27
N ARG B 358 -22.04 -26.34 -27.07
CA ARG B 358 -22.43 -26.79 -28.41
C ARG B 358 -21.23 -26.82 -29.34
N GLU B 359 -20.36 -25.80 -29.26
CA GLU B 359 -19.16 -25.77 -30.10
C GLU B 359 -18.32 -27.02 -29.93
N LEU B 360 -18.43 -27.67 -28.77
CA LEU B 360 -17.70 -28.92 -28.54
C LEU B 360 -18.11 -30.00 -29.54
N ASP B 361 -19.35 -29.96 -30.04
CA ASP B 361 -19.83 -30.97 -30.96
C ASP B 361 -19.10 -30.95 -32.31
N ALA B 362 -18.33 -29.92 -32.60
CA ALA B 362 -17.64 -29.82 -33.86
C ALA B 362 -16.34 -30.62 -33.86
N ASP B 385 -11.65 -29.47 -25.38
CA ASP B 385 -10.65 -28.48 -25.01
C ASP B 385 -11.13 -27.07 -25.33
N TYR B 386 -10.80 -26.10 -24.46
CA TYR B 386 -11.35 -24.76 -24.60
C TYR B 386 -10.83 -24.04 -25.85
N LYS B 387 -9.67 -24.43 -26.37
CA LYS B 387 -9.10 -23.74 -27.51
C LYS B 387 -9.94 -23.93 -28.78
N LYS B 388 -10.85 -24.89 -28.79
CA LYS B 388 -11.73 -25.12 -29.92
C LYS B 388 -13.02 -24.32 -29.85
N THR B 389 -13.14 -23.41 -28.88
CA THR B 389 -14.39 -22.73 -28.60
C THR B 389 -14.18 -21.22 -28.53
N SER B 390 -15.29 -20.49 -28.41
CA SER B 390 -15.25 -19.04 -28.26
C SER B 390 -14.62 -18.60 -26.94
N LEU B 391 -14.42 -19.53 -26.00
CA LEU B 391 -13.76 -19.22 -24.75
C LEU B 391 -12.26 -19.00 -24.91
N ALA B 392 -11.70 -19.35 -26.07
CA ALA B 392 -10.24 -19.34 -26.22
C ALA B 392 -9.62 -17.98 -26.01
N PRO B 393 -10.06 -16.90 -26.69
CA PRO B 393 -9.36 -15.61 -26.51
C PRO B 393 -9.46 -15.06 -25.10
N TYR B 394 -10.50 -15.43 -24.35
CA TYR B 394 -10.60 -14.97 -22.97
C TYR B 394 -9.62 -15.72 -22.07
N VAL B 395 -9.36 -16.99 -22.36
CA VAL B 395 -8.31 -17.70 -21.62
C VAL B 395 -6.96 -17.09 -21.92
N LYS B 396 -6.74 -16.65 -23.17
CA LYS B 396 -5.46 -16.06 -23.52
C LYS B 396 -5.23 -14.75 -22.76
N VAL B 397 -6.28 -13.94 -22.59
CA VAL B 397 -6.18 -12.76 -21.74
C VAL B 397 -5.73 -13.17 -20.34
N PHE B 398 -6.34 -14.23 -19.80
CA PHE B 398 -5.98 -14.70 -18.47
C PHE B 398 -4.52 -15.14 -18.41
N GLU B 399 -4.03 -15.78 -19.48
CA GLU B 399 -2.65 -16.25 -19.49
C GLU B 399 -1.66 -15.10 -19.51
N HIS B 400 -1.92 -14.07 -20.31
CA HIS B 400 -1.06 -12.88 -20.32
C HIS B 400 -0.95 -12.30 -18.91
N PHE B 401 -2.09 -12.14 -18.23
CA PHE B 401 -2.09 -11.68 -16.84
C PHE B 401 -1.28 -12.61 -15.95
N LEU B 402 -1.33 -13.92 -16.22
CA LEU B 402 -0.58 -14.88 -15.41
C LEU B 402 0.90 -14.83 -15.72
N GLU B 403 1.25 -14.62 -16.99
CA GLU B 403 2.66 -14.55 -17.36
C GLU B 403 3.32 -13.30 -16.79
N ASN B 404 2.58 -12.20 -16.66
CA ASN B 404 3.12 -11.02 -16.01
C ASN B 404 3.32 -11.25 -14.52
N LEU B 405 2.43 -12.04 -13.89
CA LEU B 405 2.65 -12.42 -12.50
C LEU B 405 3.89 -13.31 -12.36
N ASP B 406 4.06 -14.26 -13.27
N ASP B 406 4.07 -14.25 -13.28
CA ASP B 406 5.23 -15.14 -13.21
CA ASP B 406 5.23 -15.14 -13.19
C ASP B 406 6.52 -14.34 -13.32
C ASP B 406 6.54 -14.37 -13.36
N LYS B 407 6.55 -13.36 -14.23
CA LYS B 407 7.78 -12.62 -14.49
C LYS B 407 8.22 -11.82 -13.27
N SER B 408 7.27 -11.26 -12.52
CA SER B 408 7.58 -10.35 -11.44
C SER B 408 8.01 -11.05 -10.16
N ARG B 409 7.93 -12.38 -10.09
CA ARG B 409 8.11 -13.05 -8.80
C ARG B 409 9.56 -13.31 -8.47
N LYS B 410 10.31 -13.94 -9.38
CA LYS B 410 11.63 -14.49 -9.08
C LYS B 410 11.45 -15.76 -8.23
ZN ZN C . 9.02 -8.65 4.01
MN MN D . 17.78 4.58 5.30
MN MN E . 21.25 4.01 4.68
O2A HFD F . 19.18 5.21 3.88
PA HFD F . 19.33 6.25 2.76
O1A HFD F . 19.55 5.57 1.45
O3A HFD F . 18.00 7.11 2.74
PB HFD F . 16.81 7.30 3.78
O1B HFD F . 16.52 8.75 3.94
O2B HFD F . 17.15 6.64 5.10
O3B HFD F . 15.56 6.53 3.19
PG HFD F . 15.42 4.97 2.92
O3G HFD F . 14.10 4.54 3.56
O2G HFD F . 16.53 4.28 3.70
O1G HFD F . 15.51 4.72 1.48
O5' HFD F . 20.47 7.26 3.20
C5' HFD F . 20.48 7.79 4.54
C4' HFD F . 20.70 9.28 4.51
C3' HFD F . 19.69 10.07 3.70
O3' HFD F . 18.51 10.33 4.47
C2' HFD F . 20.45 11.36 3.41
O2' HFD F . 20.02 11.95 2.18
C1' HFD F . 21.89 10.84 3.25
O4' HFD F . 21.97 9.58 3.89
N9 HFD F . 22.28 10.67 1.84
C4 HFD F . 23.17 11.41 1.12
C5 HFD F . 23.16 10.88 -0.15
N7 HFD F . 22.28 9.82 -0.24
C8 HFD F . 21.78 9.75 0.97
N3 HFD F . 23.91 12.44 1.56
C2 HFD F . 24.66 12.89 0.57
F2 HFD F . 25.43 13.92 0.92
N1 HFD F . 24.78 12.52 -0.67
C6 HFD F . 24.02 11.47 -1.09
N6 HFD F . 24.15 11.07 -2.37
H5 HFD F . 21.27 7.33 5.12
H6 HFD F . 19.54 7.58 5.04
H7 HFD F . 20.81 9.66 5.52
H8 HFD F . 19.41 9.55 2.79
H9 HFD F . 17.80 10.59 3.83
H10 HFD F . 20.38 12.06 4.24
H11 HFD F . 20.35 12.88 2.18
H12 HFD F . 22.62 11.48 3.74
H13 HFD F . 21.02 9.01 1.26
H14 HFD F . 24.79 11.54 -3.00
H15 HFD F . 23.61 10.30 -2.73
ZN ZN G . -28.95 0.76 -21.40
MN MN H . -21.76 -6.88 -9.44
MN MN I . -22.53 -5.47 -6.21
O2A HFD J . -22.92 -7.48 -7.66
PA HFD J . -23.39 -8.84 -7.12
O1A HFD J . -24.85 -8.85 -6.90
O3A HFD J . -22.98 -9.95 -8.18
PB HFD J . -21.89 -10.01 -9.34
O1B HFD J . -20.97 -11.15 -9.15
O2B HFD J . -21.11 -8.70 -9.39
O3B HFD J . -22.69 -10.14 -10.71
PG HFD J . -23.67 -9.09 -11.38
O3G HFD J . -25.09 -9.63 -11.21
O2G HFD J . -23.58 -7.83 -10.54
O1G HFD J . -23.27 -8.86 -12.76
O5' HFD J . -22.56 -9.15 -5.83
C5' HFD J . -21.14 -8.90 -5.76
C4' HFD J . -20.46 -10.09 -5.15
C3' HFD J . -20.70 -11.41 -5.86
O3' HFD J . -19.84 -11.57 -6.98
C2' HFD J . -20.37 -12.43 -4.78
O2' HFD J . -21.16 -13.60 -4.97
C1' HFD J . -20.75 -11.68 -3.49
O4' HFD J . -20.96 -10.33 -3.82
N9 HFD J . -21.99 -12.21 -2.92
C4 HFD J . -22.21 -12.70 -1.65
C5 HFD J . -23.53 -13.10 -1.65
N7 HFD J . -24.13 -12.87 -2.88
C8 HFD J . -23.17 -12.35 -3.59
N3 HFD J . -21.34 -12.78 -0.63
C2 HFD J . -21.95 -13.30 0.42
F2 HFD J . -21.17 -13.42 1.50
N1 HFD J . -23.17 -13.72 0.60
C6 HFD J . -24.01 -13.63 -0.44
N6 HFD J . -25.25 -14.07 -0.28
H5 HFD J . -20.93 -8.03 -5.15
H6 HFD J . -20.73 -8.72 -6.75
H7 HFD J . -19.40 -9.89 -5.01
H8 HFD J . -21.74 -11.47 -6.19
H9 HFD J . -19.63 -12.55 -7.06
H10 HFD J . -19.31 -12.67 -4.74
H11 HFD J . -20.81 -14.29 -4.36
H12 HFD J . -19.96 -11.70 -2.74
H13 HFD J . -23.29 -12.05 -4.63
H14 HFD J . -25.93 -14.03 -1.03
H15 HFD J . -25.57 -14.45 0.61
C1 EDO K . -15.77 26.05 -5.45
O1 EDO K . -15.07 25.13 -6.29
C2 EDO K . -16.74 26.82 -6.34
O2 EDO K . -17.13 25.95 -7.40
H11 EDO K . -16.31 25.52 -4.67
H12 EDO K . -15.07 26.73 -4.97
HO1 EDO K . -14.44 24.63 -5.78
H21 EDO K . -17.61 27.13 -5.76
H22 EDO K . -16.26 27.72 -6.73
HO2 EDO K . -16.63 26.17 -8.21
#